data_1LWJ
#
_entry.id   1LWJ
#
_cell.length_a   94.542
_cell.length_b   181.354
_cell.length_c   197.317
_cell.angle_alpha   90.00
_cell.angle_beta   90.00
_cell.angle_gamma   90.00
#
_symmetry.space_group_name_H-M   'I 2 2 2'
#
loop_
_entity.id
_entity.type
_entity.pdbx_description
1 polymer 4-ALPHA-GLUCANOTRANSFERASE
2 non-polymer 'MODIFIED ACARBOSE PENTASACCHARIDE'
3 non-polymer 'CALCIUM ION'
4 water water
#
_entity_poly.entity_id   1
_entity_poly.type   'polypeptide(L)'
_entity_poly.pdbx_seq_one_letter_code
;MIGYQIYVRSFRDGNLDGVGDFRGLKNAVSYLKELGIDFVWLMPVFSSISFHGYDVVDFYSFKAEYGSEREFKEMIEAFH
DSGIKVVLDLPIHHTGFLHTWFQKALKGDPHYRDYYVWANKETDLDERREWDGEKIWHPLEDGRFYRGLFGPFSPDLNYD
NPQVFDEMKRLVLHLLDMGVDGFRFDAAKHMRDTIEQNVRFWKYFLSDLKGIFLAEIWAEARMVDEHGRIFGYMLNFDTS
HCIKEAVWKENTRVLIESIERAVIAKDYLPVNFTSNHDMSRLASFEGGFSKEKIKLSISILFTLPGVPLVFYGDELGMKG
VYQKPNTEVVLDPFPWNESMCVEGQTFWKWPAYNGPFSGISVEYQKRDPDSILSHTLGWTRFRKENQWIDRAKLEFLCKE
DKFLVYRLYDDQHSLKVFHNLSGEEVVFEGVKMKPYKTEVV
;
_entity_poly.pdbx_strand_id   A,B
#
# COMPACT_ATOMS: atom_id res chain seq x y z
N MET A 1 -19.96 22.50 -15.09
CA MET A 1 -18.84 22.12 -14.19
C MET A 1 -19.05 20.71 -13.63
N ILE A 2 -18.01 19.88 -13.76
CA ILE A 2 -18.06 18.51 -13.28
C ILE A 2 -16.76 18.22 -12.57
N GLY A 3 -16.86 17.81 -11.32
CA GLY A 3 -15.67 17.50 -10.55
C GLY A 3 -15.34 16.03 -10.55
N TYR A 4 -14.17 15.69 -10.05
CA TYR A 4 -13.73 14.31 -9.99
C TYR A 4 -12.79 14.20 -8.80
N GLN A 5 -13.16 13.37 -7.82
CA GLN A 5 -12.34 13.17 -6.63
C GLN A 5 -11.31 12.05 -6.84
N ILE A 6 -10.04 12.40 -6.73
CA ILE A 6 -8.96 11.46 -6.94
C ILE A 6 -8.17 11.11 -5.68
N TYR A 7 -7.90 9.83 -5.49
CA TYR A 7 -7.03 9.44 -4.37
C TYR A 7 -5.75 9.21 -5.17
N VAL A 8 -4.83 10.16 -5.10
CA VAL A 8 -3.62 10.08 -5.91
C VAL A 8 -2.94 8.73 -6.11
N ARG A 9 -2.63 8.04 -5.01
CA ARG A 9 -1.95 6.74 -5.04
C ARG A 9 -2.65 5.62 -5.80
N SER A 10 -3.96 5.74 -5.95
CA SER A 10 -4.76 4.74 -6.65
C SER A 10 -5.21 5.13 -8.06
N PHE A 11 -4.89 6.35 -8.49
CA PHE A 11 -5.31 6.78 -9.83
C PHE A 11 -4.36 6.35 -10.96
N ARG A 12 -3.24 7.05 -11.13
CA ARG A 12 -2.30 6.66 -12.18
C ARG A 12 -0.81 6.85 -11.82
N ASP A 13 -0.04 5.84 -12.14
CA ASP A 13 1.38 5.80 -11.88
C ASP A 13 2.14 6.36 -13.08
N GLY A 14 3.13 7.20 -12.81
CA GLY A 14 3.86 7.82 -13.89
C GLY A 14 5.33 7.50 -13.92
N ASN A 15 5.83 6.75 -12.95
CA ASN A 15 7.25 6.43 -12.96
C ASN A 15 7.54 4.95 -12.83
N LEU A 16 6.57 4.14 -13.23
CA LEU A 16 6.68 2.67 -13.24
C LEU A 16 6.98 2.01 -11.91
N ASP A 17 6.15 2.24 -10.90
CA ASP A 17 6.38 1.59 -9.62
C ASP A 17 5.06 1.08 -9.02
N GLY A 18 3.97 1.32 -9.75
CA GLY A 18 2.67 0.87 -9.29
C GLY A 18 1.99 1.79 -8.30
N VAL A 19 2.69 2.83 -7.87
CA VAL A 19 2.14 3.79 -6.93
C VAL A 19 1.71 5.06 -7.67
N GLY A 20 0.45 5.46 -7.51
CA GLY A 20 -0.05 6.66 -8.18
C GLY A 20 0.75 7.91 -7.83
N ASP A 21 1.06 8.72 -8.82
CA ASP A 21 1.86 9.92 -8.55
C ASP A 21 1.47 11.09 -9.43
N PHE A 22 2.17 12.20 -9.23
CA PHE A 22 1.90 13.43 -9.97
C PHE A 22 2.09 13.28 -11.48
N ARG A 23 3.15 12.58 -11.90
CA ARG A 23 3.39 12.38 -13.33
C ARG A 23 2.25 11.59 -13.98
N GLY A 24 1.83 10.49 -13.37
CA GLY A 24 0.74 9.72 -13.92
C GLY A 24 -0.55 10.53 -13.96
N LEU A 25 -0.79 11.31 -12.92
CA LEU A 25 -1.99 12.16 -12.87
C LEU A 25 -1.96 12.91 -14.19
N LYS A 26 -0.80 13.53 -14.44
CA LYS A 26 -0.54 14.32 -15.63
C LYS A 26 -0.92 13.57 -16.90
N ASN A 27 -0.58 12.29 -17.00
CA ASN A 27 -0.89 11.52 -18.21
C ASN A 27 -2.30 10.96 -18.26
N ALA A 28 -3.12 11.28 -17.27
CA ALA A 28 -4.48 10.78 -17.24
C ALA A 28 -5.46 11.82 -17.79
N VAL A 29 -4.95 13.02 -18.07
CA VAL A 29 -5.76 14.12 -18.59
C VAL A 29 -6.75 13.77 -19.68
N SER A 30 -6.31 13.00 -20.67
CA SER A 30 -7.17 12.60 -21.78
C SER A 30 -8.41 11.87 -21.25
N TYR A 31 -8.23 11.03 -20.24
CA TYR A 31 -9.32 10.27 -19.63
C TYR A 31 -10.27 11.27 -18.98
N LEU A 32 -9.70 12.14 -18.15
CA LEU A 32 -10.48 13.15 -17.46
C LEU A 32 -11.25 14.02 -18.46
N LYS A 33 -10.52 14.53 -19.46
CA LYS A 33 -11.09 15.38 -20.50
C LYS A 33 -12.16 14.63 -21.31
N GLU A 34 -11.94 13.34 -21.54
CA GLU A 34 -12.90 12.54 -22.29
C GLU A 34 -14.10 12.29 -21.38
N LEU A 35 -13.90 12.54 -20.08
CA LEU A 35 -14.95 12.34 -19.09
C LEU A 35 -15.64 13.66 -18.79
N GLY A 36 -15.15 14.72 -19.41
CA GLY A 36 -15.73 16.05 -19.21
C GLY A 36 -15.51 16.59 -17.82
N ILE A 37 -14.41 16.22 -17.22
CA ILE A 37 -14.08 16.66 -15.87
C ILE A 37 -13.54 18.09 -15.96
N ASP A 38 -14.14 19.00 -15.17
CA ASP A 38 -13.72 20.41 -15.15
C ASP A 38 -12.59 20.68 -14.18
N PHE A 39 -12.65 20.01 -13.02
CA PHE A 39 -11.65 20.13 -11.96
C PHE A 39 -11.48 18.81 -11.19
N VAL A 40 -10.28 18.58 -10.69
CA VAL A 40 -10.00 17.37 -9.92
C VAL A 40 -9.82 17.75 -8.48
N TRP A 41 -10.41 16.99 -7.59
CA TRP A 41 -10.22 17.25 -6.18
C TRP A 41 -9.20 16.20 -5.80
N LEU A 42 -8.02 16.64 -5.37
CA LEU A 42 -6.97 15.70 -5.01
C LEU A 42 -6.81 15.52 -3.51
N MET A 43 -7.12 14.32 -3.02
CA MET A 43 -6.99 13.97 -1.63
C MET A 43 -5.53 14.25 -1.24
N PRO A 44 -5.29 14.65 0.02
CA PRO A 44 -3.99 14.99 0.63
C PRO A 44 -2.70 14.65 -0.11
N VAL A 45 -2.13 15.64 -0.79
CA VAL A 45 -0.88 15.45 -1.51
C VAL A 45 0.28 15.87 -0.63
N PHE A 46 -0.03 16.28 0.60
CA PHE A 46 1.01 16.70 1.51
C PHE A 46 1.56 15.50 2.25
N SER A 47 2.85 15.58 2.57
CA SER A 47 3.55 14.52 3.29
C SER A 47 2.99 14.25 4.70
N SER A 48 2.61 12.99 4.90
CA SER A 48 2.07 12.45 6.15
C SER A 48 2.53 11.00 6.08
N ILE A 49 2.56 10.30 7.19
CA ILE A 49 3.00 8.92 7.08
C ILE A 49 1.89 7.92 6.79
N SER A 50 0.65 8.36 6.98
CA SER A 50 -0.51 7.50 6.71
C SER A 50 -0.63 7.26 5.20
N PHE A 51 -1.64 6.51 4.79
CA PHE A 51 -1.84 6.23 3.38
C PHE A 51 -2.84 7.22 2.79
N HIS A 52 -3.69 7.78 3.65
CA HIS A 52 -4.69 8.76 3.23
C HIS A 52 -4.16 10.19 3.44
N GLY A 53 -3.10 10.32 4.24
CA GLY A 53 -2.48 11.61 4.49
C GLY A 53 -3.25 12.80 5.04
N TYR A 54 -4.25 12.55 5.87
CA TYR A 54 -5.03 13.63 6.47
C TYR A 54 -4.36 14.18 7.73
N ASP A 55 -3.37 13.47 8.24
CA ASP A 55 -2.60 13.91 9.41
C ASP A 55 -1.24 14.41 8.88
N VAL A 56 -1.26 15.63 8.34
CA VAL A 56 -0.07 16.22 7.74
C VAL A 56 1.06 16.54 8.71
N VAL A 57 2.27 16.20 8.30
CA VAL A 57 3.44 16.46 9.12
C VAL A 57 4.18 17.69 8.57
N ASP A 58 3.81 18.11 7.35
CA ASP A 58 4.41 19.27 6.71
C ASP A 58 3.62 19.66 5.47
N PHE A 59 3.07 20.88 5.46
CA PHE A 59 2.29 21.36 4.31
C PHE A 59 3.17 21.93 3.20
N TYR A 60 4.45 22.10 3.50
CA TYR A 60 5.38 22.67 2.56
C TYR A 60 6.26 21.67 1.84
N SER A 61 5.90 20.40 1.96
CA SER A 61 6.61 19.33 1.27
C SER A 61 5.55 18.33 0.85
N PHE A 62 5.64 17.82 -0.37
CA PHE A 62 4.65 16.85 -0.84
C PHE A 62 5.04 15.41 -0.50
N LYS A 63 4.12 14.47 -0.71
CA LYS A 63 4.37 13.05 -0.44
C LYS A 63 5.41 12.54 -1.45
N ALA A 64 6.57 12.15 -0.93
CA ALA A 64 7.65 11.67 -1.78
C ALA A 64 7.19 10.65 -2.81
N GLU A 65 6.27 9.78 -2.42
CA GLU A 65 5.76 8.75 -3.32
C GLU A 65 4.95 9.28 -4.49
N TYR A 66 4.40 10.49 -4.35
CA TYR A 66 3.61 11.10 -5.41
C TYR A 66 4.57 11.87 -6.31
N GLY A 67 5.58 12.48 -5.70
CA GLY A 67 6.56 13.23 -6.47
C GLY A 67 7.23 14.40 -5.78
N SER A 68 8.00 15.15 -6.56
CA SER A 68 8.71 16.32 -6.07
C SER A 68 7.83 17.55 -6.31
N GLU A 69 8.20 18.69 -5.69
CA GLU A 69 7.44 19.92 -5.86
C GLU A 69 7.49 20.41 -7.31
N ARG A 70 8.57 20.01 -7.99
CA ARG A 70 8.73 20.36 -9.39
C ARG A 70 7.72 19.54 -10.18
N GLU A 71 7.68 18.25 -9.90
CA GLU A 71 6.75 17.38 -10.58
C GLU A 71 5.32 17.80 -10.30
N PHE A 72 5.05 18.28 -9.09
CA PHE A 72 3.70 18.72 -8.76
C PHE A 72 3.26 19.88 -9.68
N LYS A 73 4.18 20.81 -9.91
CA LYS A 73 3.92 21.97 -10.75
C LYS A 73 3.76 21.67 -12.25
N GLU A 74 4.55 20.77 -12.79
CA GLU A 74 4.43 20.42 -14.20
C GLU A 74 3.08 19.72 -14.44
N MET A 75 2.49 19.19 -13.37
CA MET A 75 1.21 18.51 -13.47
C MET A 75 0.15 19.61 -13.46
N ILE A 76 0.38 20.65 -12.68
CA ILE A 76 -0.52 21.79 -12.61
C ILE A 76 -0.54 22.43 -13.99
N GLU A 77 0.64 22.82 -14.47
CA GLU A 77 0.81 23.43 -15.78
C GLU A 77 -0.04 22.62 -16.77
N ALA A 78 0.39 21.38 -17.04
CA ALA A 78 -0.27 20.43 -17.94
C ALA A 78 -1.81 20.44 -17.87
N PHE A 79 -2.36 20.31 -16.68
CA PHE A 79 -3.81 20.31 -16.46
C PHE A 79 -4.47 21.57 -16.98
N HIS A 80 -3.81 22.69 -16.80
CA HIS A 80 -4.32 23.96 -17.28
C HIS A 80 -4.23 23.93 -18.81
N ASP A 81 -3.07 23.60 -19.36
CA ASP A 81 -2.91 23.50 -20.81
C ASP A 81 -4.14 22.80 -21.39
N SER A 82 -4.69 21.85 -20.63
CA SER A 82 -5.86 21.07 -21.06
C SER A 82 -7.17 21.58 -20.49
N GLY A 83 -7.12 22.76 -19.87
CA GLY A 83 -8.31 23.37 -19.30
C GLY A 83 -8.98 22.73 -18.09
N ILE A 84 -8.20 22.14 -17.19
CA ILE A 84 -8.77 21.52 -16.01
C ILE A 84 -8.14 22.20 -14.81
N LYS A 85 -8.95 22.45 -13.80
CA LYS A 85 -8.47 23.08 -12.60
C LYS A 85 -8.05 21.99 -11.63
N VAL A 86 -7.28 22.39 -10.62
CA VAL A 86 -6.76 21.45 -9.65
C VAL A 86 -7.03 21.95 -8.23
N VAL A 87 -7.93 21.26 -7.54
CA VAL A 87 -8.31 21.58 -6.17
C VAL A 87 -7.65 20.64 -5.13
N LEU A 88 -6.82 21.18 -4.23
CA LEU A 88 -6.17 20.35 -3.21
C LEU A 88 -6.93 20.28 -1.90
N ASP A 89 -7.03 19.06 -1.36
CA ASP A 89 -7.72 18.79 -0.10
C ASP A 89 -6.83 19.38 0.98
N LEU A 90 -7.37 20.30 1.76
CA LEU A 90 -6.58 20.93 2.80
C LEU A 90 -7.11 20.71 4.21
N PRO A 91 -6.50 19.78 4.96
CA PRO A 91 -6.86 19.40 6.34
C PRO A 91 -6.11 20.24 7.35
N ILE A 92 -6.33 21.54 7.28
CA ILE A 92 -5.70 22.52 8.16
C ILE A 92 -6.34 22.59 9.55
N HIS A 93 -7.33 21.74 9.80
CA HIS A 93 -8.01 21.72 11.11
C HIS A 93 -7.10 21.20 12.23
N HIS A 94 -6.14 20.34 11.84
CA HIS A 94 -5.20 19.70 12.76
C HIS A 94 -3.95 19.26 12.01
N THR A 95 -2.84 19.16 12.73
CA THR A 95 -1.61 18.71 12.11
C THR A 95 -1.38 17.27 12.61
N GLY A 96 -0.49 16.55 11.94
CA GLY A 96 -0.22 15.20 12.37
C GLY A 96 0.51 15.27 13.69
N PHE A 97 0.59 14.14 14.38
CA PHE A 97 1.27 14.06 15.68
C PHE A 97 2.76 14.40 15.57
N LEU A 98 3.32 14.15 14.40
CA LEU A 98 4.74 14.40 14.18
C LEU A 98 5.05 15.75 13.56
N HIS A 99 4.03 16.57 13.28
CA HIS A 99 4.33 17.87 12.69
C HIS A 99 5.31 18.59 13.61
N THR A 100 6.31 19.24 13.02
CA THR A 100 7.33 19.92 13.81
C THR A 100 6.73 20.93 14.78
N TRP A 101 5.52 21.41 14.49
CA TRP A 101 4.87 22.37 15.37
C TRP A 101 4.45 21.65 16.67
N PHE A 102 3.93 20.43 16.52
CA PHE A 102 3.48 19.65 17.66
C PHE A 102 4.69 19.07 18.38
N GLN A 103 5.68 18.62 17.61
CA GLN A 103 6.87 18.07 18.24
C GLN A 103 7.49 19.05 19.22
N LYS A 104 7.47 20.34 18.86
CA LYS A 104 8.01 21.42 19.68
C LYS A 104 7.12 21.75 20.86
N ALA A 105 5.82 21.94 20.62
CA ALA A 105 4.89 22.22 21.70
C ALA A 105 5.09 21.19 22.82
N LEU A 106 5.28 19.93 22.39
CA LEU A 106 5.50 18.82 23.30
C LEU A 106 6.74 19.02 24.16
N LYS A 107 7.84 19.38 23.50
CA LYS A 107 9.10 19.58 24.18
C LYS A 107 9.22 20.96 24.82
N GLY A 108 8.13 21.40 25.44
CA GLY A 108 8.13 22.68 26.13
C GLY A 108 8.04 23.98 25.35
N ASP A 109 8.55 24.02 24.13
CA ASP A 109 8.52 25.25 23.35
C ASP A 109 7.21 26.03 23.51
N PRO A 110 7.30 27.27 24.00
CA PRO A 110 6.18 28.18 24.24
C PRO A 110 5.48 28.76 23.01
N HIS A 111 6.28 29.21 22.04
CA HIS A 111 5.75 29.80 20.82
C HIS A 111 4.78 28.87 20.08
N TYR A 112 5.18 27.60 19.97
CA TYR A 112 4.37 26.59 19.31
C TYR A 112 3.36 25.98 20.26
N ARG A 113 3.63 26.06 21.56
CA ARG A 113 2.74 25.52 22.57
C ARG A 113 1.33 26.10 22.44
N ASP A 114 1.24 27.33 21.93
CA ASP A 114 -0.06 27.99 21.79
C ASP A 114 -0.73 27.65 20.46
N TYR A 115 -0.01 26.89 19.63
CA TYR A 115 -0.49 26.47 18.32
C TYR A 115 -1.59 25.41 18.46
N TYR A 116 -1.59 24.72 19.60
CA TYR A 116 -2.55 23.65 19.87
C TYR A 116 -3.47 23.88 21.08
N VAL A 117 -4.42 22.94 21.25
CA VAL A 117 -5.42 22.98 22.33
C VAL A 117 -5.11 22.06 23.49
N TRP A 118 -5.07 22.62 24.69
CA TRP A 118 -4.77 21.85 25.91
C TRP A 118 -5.86 21.97 26.97
N ALA A 119 -5.94 20.96 27.83
CA ALA A 119 -6.95 20.93 28.89
C ALA A 119 -6.69 22.00 29.95
N ASN A 120 -7.79 22.63 30.37
CA ASN A 120 -7.77 23.69 31.37
C ASN A 120 -8.59 23.21 32.58
N LYS A 121 -8.19 23.59 33.79
CA LYS A 121 -8.88 23.19 35.02
C LYS A 121 -10.40 23.12 34.81
N GLU A 122 -10.93 24.10 34.07
CA GLU A 122 -12.36 24.16 33.78
C GLU A 122 -12.72 23.50 32.43
N THR A 123 -12.19 22.30 32.18
CA THR A 123 -12.49 21.56 30.95
C THR A 123 -12.84 20.09 31.22
N ASP A 124 -13.88 19.63 30.51
CA ASP A 124 -14.39 18.26 30.62
C ASP A 124 -13.49 17.29 29.90
N LEU A 125 -12.85 16.39 30.63
CA LEU A 125 -11.97 15.41 30.01
C LEU A 125 -12.70 14.23 29.38
N ASP A 126 -13.87 13.90 29.91
CA ASP A 126 -14.65 12.79 29.38
C ASP A 126 -15.40 13.20 28.10
N GLU A 127 -15.17 14.42 27.65
CA GLU A 127 -15.84 14.92 26.45
C GLU A 127 -15.55 13.99 25.29
N ARG A 128 -16.61 13.58 24.59
CA ARG A 128 -16.50 12.69 23.44
C ARG A 128 -17.00 13.38 22.17
N ARG A 129 -16.85 12.69 21.04
CA ARG A 129 -17.30 13.21 19.75
C ARG A 129 -18.81 13.14 19.72
N GLU A 130 -19.43 13.90 18.83
CA GLU A 130 -20.87 13.90 18.69
C GLU A 130 -21.34 12.61 18.00
N TRP A 131 -20.51 12.06 17.10
CA TRP A 131 -20.89 10.84 16.42
C TRP A 131 -20.46 9.58 17.17
N ASP A 132 -19.32 8.98 16.81
CA ASP A 132 -18.85 7.76 17.49
C ASP A 132 -18.60 7.90 19.00
N GLY A 133 -18.63 9.14 19.49
CA GLY A 133 -18.43 9.40 20.91
C GLY A 133 -17.18 8.90 21.61
N GLU A 134 -16.04 8.92 20.93
CA GLU A 134 -14.79 8.51 21.55
C GLU A 134 -14.24 9.81 22.10
N LYS A 135 -13.52 9.75 23.21
CA LYS A 135 -12.98 10.97 23.83
C LYS A 135 -12.13 11.77 22.84
N ILE A 136 -12.07 13.08 23.07
CA ILE A 136 -11.29 13.97 22.21
C ILE A 136 -10.10 14.52 22.98
N TRP A 137 -10.04 14.20 24.27
CA TRP A 137 -8.95 14.63 25.14
C TRP A 137 -7.95 13.52 25.38
N HIS A 138 -6.76 13.71 24.82
CA HIS A 138 -5.70 12.73 24.89
C HIS A 138 -4.58 13.13 25.82
N PRO A 139 -4.20 12.24 26.74
CA PRO A 139 -3.15 12.40 27.75
C PRO A 139 -1.69 12.14 27.38
N LEU A 140 -0.83 12.92 28.01
CA LEU A 140 0.63 12.83 27.87
C LEU A 140 1.02 12.44 29.29
N GLU A 141 2.20 11.86 29.49
CA GLU A 141 2.56 11.42 30.85
C GLU A 141 2.65 12.53 31.87
N ASP A 142 3.20 13.66 31.44
CA ASP A 142 3.35 14.84 32.28
C ASP A 142 1.99 15.45 32.61
N GLY A 143 0.99 14.59 32.79
CA GLY A 143 -0.35 15.03 33.11
C GLY A 143 -0.98 16.05 32.16
N ARG A 144 -0.34 16.27 31.01
CA ARG A 144 -0.87 17.22 30.03
C ARG A 144 -1.87 16.59 29.06
N PHE A 145 -2.86 17.37 28.64
CA PHE A 145 -3.88 16.91 27.70
C PHE A 145 -4.10 17.93 26.61
N TYR A 146 -3.95 17.48 25.37
CA TYR A 146 -4.15 18.34 24.20
C TYR A 146 -5.38 17.76 23.51
N ARG A 147 -6.29 18.61 23.07
CA ARG A 147 -7.47 18.09 22.41
C ARG A 147 -7.20 17.72 20.97
N GLY A 148 -7.83 16.63 20.53
CA GLY A 148 -7.68 16.16 19.17
C GLY A 148 -8.95 15.45 18.75
N LEU A 149 -9.81 16.15 18.01
CA LEU A 149 -11.07 15.54 17.59
C LEU A 149 -10.88 14.21 16.89
N PHE A 150 -10.08 14.21 15.84
CA PHE A 150 -9.86 13.01 15.08
C PHE A 150 -8.73 12.14 15.61
N GLY A 151 -8.73 11.85 16.90
CA GLY A 151 -7.68 11.02 17.45
C GLY A 151 -6.53 11.70 18.15
N PRO A 152 -5.66 10.91 18.82
CA PRO A 152 -4.48 11.39 19.55
C PRO A 152 -3.32 11.69 18.65
N PHE A 153 -3.48 11.36 17.36
CA PHE A 153 -2.41 11.58 16.42
C PHE A 153 -2.72 12.66 15.39
N SER A 154 -3.84 13.33 15.60
CA SER A 154 -4.27 14.42 14.73
C SER A 154 -4.62 15.58 15.67
N PRO A 155 -3.64 16.10 16.42
CA PRO A 155 -3.85 17.20 17.37
C PRO A 155 -4.49 18.41 16.72
N ASP A 156 -5.62 18.81 17.30
CA ASP A 156 -6.38 19.94 16.80
C ASP A 156 -5.49 21.19 16.87
N LEU A 157 -5.63 22.07 15.87
CA LEU A 157 -4.88 23.31 15.83
C LEU A 157 -5.69 24.42 16.47
N ASN A 158 -5.01 25.26 17.24
CA ASN A 158 -5.63 26.39 17.94
C ASN A 158 -5.94 27.49 16.94
N TYR A 159 -7.20 27.60 16.54
CA TYR A 159 -7.61 28.64 15.58
C TYR A 159 -8.09 29.87 16.29
N ASP A 160 -7.81 29.90 17.58
CA ASP A 160 -8.15 31.01 18.44
C ASP A 160 -6.93 31.92 18.34
N ASN A 161 -5.78 31.27 18.21
CA ASN A 161 -4.47 31.91 18.10
C ASN A 161 -4.34 32.63 16.75
N PRO A 162 -4.36 33.97 16.73
CA PRO A 162 -4.23 34.71 15.47
C PRO A 162 -2.90 34.49 14.76
N GLN A 163 -2.05 33.65 15.34
CA GLN A 163 -0.74 33.32 14.76
C GLN A 163 -0.94 32.14 13.80
N VAL A 164 -1.73 31.16 14.26
CA VAL A 164 -2.05 29.97 13.47
C VAL A 164 -2.77 30.45 12.20
N PHE A 165 -3.69 31.38 12.39
CA PHE A 165 -4.46 31.97 11.32
C PHE A 165 -3.57 32.40 10.15
N ASP A 166 -2.66 33.33 10.42
CA ASP A 166 -1.75 33.81 9.40
C ASP A 166 -0.84 32.69 8.94
N GLU A 167 -0.32 31.96 9.92
CA GLU A 167 0.55 30.84 9.67
C GLU A 167 -0.04 29.97 8.54
N MET A 168 -1.34 29.71 8.62
CA MET A 168 -2.00 28.90 7.61
C MET A 168 -2.40 29.71 6.38
N LYS A 169 -3.08 30.84 6.56
CA LYS A 169 -3.51 31.65 5.42
C LYS A 169 -2.36 31.95 4.45
N ARG A 170 -1.15 32.05 5.01
CA ARG A 170 0.05 32.31 4.22
C ARG A 170 0.29 31.11 3.32
N LEU A 171 -0.10 29.93 3.81
CA LEU A 171 0.03 28.68 3.07
C LEU A 171 -0.94 28.66 1.88
N VAL A 172 -2.21 28.90 2.14
CA VAL A 172 -3.23 28.94 1.11
C VAL A 172 -2.81 29.85 -0.05
N LEU A 173 -2.15 30.96 0.29
CA LEU A 173 -1.68 31.91 -0.72
C LEU A 173 -0.49 31.29 -1.47
N HIS A 174 0.24 30.43 -0.77
CA HIS A 174 1.42 29.73 -1.27
C HIS A 174 1.10 28.73 -2.35
N LEU A 175 0.14 27.86 -2.05
CA LEU A 175 -0.30 26.83 -2.99
C LEU A 175 -0.96 27.53 -4.14
N LEU A 176 -1.84 28.49 -3.82
CA LEU A 176 -2.52 29.27 -4.86
C LEU A 176 -1.43 29.91 -5.72
N ASP A 177 -0.59 30.72 -5.11
CA ASP A 177 0.50 31.37 -5.82
C ASP A 177 1.29 30.36 -6.64
N MET A 178 1.10 29.08 -6.34
CA MET A 178 1.81 28.02 -7.03
C MET A 178 1.04 27.47 -8.22
N GLY A 179 -0.26 27.69 -8.23
CA GLY A 179 -1.07 27.21 -9.33
C GLY A 179 -2.39 26.61 -8.92
N VAL A 180 -2.43 26.11 -7.69
CA VAL A 180 -3.64 25.48 -7.16
C VAL A 180 -4.85 26.38 -7.38
N ASP A 181 -5.85 25.85 -8.09
CA ASP A 181 -7.08 26.57 -8.40
C ASP A 181 -8.06 26.65 -7.24
N GLY A 182 -7.94 25.71 -6.31
CA GLY A 182 -8.85 25.72 -5.18
C GLY A 182 -8.48 24.71 -4.14
N PHE A 183 -9.20 24.74 -3.04
CA PHE A 183 -8.93 23.84 -1.94
C PHE A 183 -10.22 23.19 -1.51
N ARG A 184 -10.08 22.05 -0.85
CA ARG A 184 -11.21 21.34 -0.31
C ARG A 184 -10.86 21.30 1.16
N PHE A 185 -11.34 22.31 1.88
CA PHE A 185 -11.08 22.43 3.30
C PHE A 185 -11.67 21.25 4.06
N ASP A 186 -10.79 20.35 4.44
CA ASP A 186 -11.12 19.16 5.17
C ASP A 186 -11.50 19.49 6.60
N ALA A 187 -12.71 19.09 6.99
CA ALA A 187 -13.24 19.32 8.34
C ALA A 187 -13.68 20.75 8.62
N ALA A 188 -13.92 21.52 7.57
CA ALA A 188 -14.34 22.93 7.70
C ALA A 188 -15.38 23.17 8.80
N LYS A 189 -16.11 22.13 9.14
CA LYS A 189 -17.15 22.20 10.15
C LYS A 189 -16.65 22.38 11.60
N HIS A 190 -15.40 22.00 11.85
CA HIS A 190 -14.85 22.05 13.20
C HIS A 190 -13.71 23.03 13.50
N MET A 191 -13.60 24.13 12.73
CA MET A 191 -12.50 25.07 12.98
C MET A 191 -12.54 25.79 14.34
N ARG A 192 -13.76 26.03 14.84
CA ARG A 192 -13.98 26.69 16.13
C ARG A 192 -15.09 25.97 16.91
N ASP A 193 -15.12 26.15 18.23
CA ASP A 193 -16.09 25.51 19.14
C ASP A 193 -17.59 25.88 19.06
N THR A 194 -17.93 26.94 18.34
CA THR A 194 -19.33 27.32 18.21
C THR A 194 -19.66 27.65 16.76
N ILE A 195 -20.85 27.22 16.34
CA ILE A 195 -21.32 27.44 14.99
C ILE A 195 -21.03 28.88 14.51
N GLU A 196 -21.35 29.86 15.34
CA GLU A 196 -21.15 31.29 15.02
C GLU A 196 -19.69 31.64 14.83
N GLN A 197 -18.83 31.08 15.68
CA GLN A 197 -17.40 31.34 15.63
C GLN A 197 -16.76 30.84 14.34
N ASN A 198 -17.27 29.72 13.84
CA ASN A 198 -16.75 29.11 12.64
C ASN A 198 -17.10 29.94 11.41
N VAL A 199 -18.33 30.42 11.37
CA VAL A 199 -18.79 31.22 10.25
C VAL A 199 -17.86 32.42 10.07
N ARG A 200 -17.69 33.19 11.14
CA ARG A 200 -16.82 34.36 11.09
C ARG A 200 -15.41 33.91 10.74
N PHE A 201 -14.95 32.80 11.30
CA PHE A 201 -13.62 32.31 10.99
C PHE A 201 -13.42 32.26 9.48
N TRP A 202 -14.28 31.52 8.82
CA TRP A 202 -14.19 31.39 7.38
C TRP A 202 -14.37 32.72 6.69
N LYS A 203 -15.20 33.58 7.28
CA LYS A 203 -15.42 34.91 6.75
C LYS A 203 -14.05 35.59 6.62
N TYR A 204 -13.30 35.66 7.71
CA TYR A 204 -11.98 36.29 7.67
C TYR A 204 -11.01 35.48 6.84
N PHE A 205 -10.87 34.20 7.17
CA PHE A 205 -9.92 33.33 6.48
C PHE A 205 -9.94 33.40 4.95
N LEU A 206 -11.12 33.58 4.37
CA LEU A 206 -11.22 33.65 2.92
C LEU A 206 -11.41 35.07 2.39
N SER A 207 -11.36 36.04 3.30
CA SER A 207 -11.52 37.46 2.99
C SER A 207 -11.13 37.83 1.55
N ASP A 208 -9.85 38.06 1.33
CA ASP A 208 -9.32 38.45 0.01
C ASP A 208 -8.66 37.28 -0.74
N LEU A 209 -9.41 36.20 -0.93
CA LEU A 209 -8.92 35.01 -1.63
C LEU A 209 -9.90 34.55 -2.71
N LYS A 210 -9.41 34.35 -3.93
CA LYS A 210 -10.30 33.88 -5.00
C LYS A 210 -9.93 32.45 -5.38
N GLY A 211 -10.91 31.72 -5.92
CA GLY A 211 -10.67 30.34 -6.33
C GLY A 211 -11.73 29.39 -5.82
N ILE A 212 -11.74 28.16 -6.33
CA ILE A 212 -12.73 27.19 -5.88
C ILE A 212 -12.53 26.87 -4.42
N PHE A 213 -13.53 27.17 -3.61
CA PHE A 213 -13.47 26.88 -2.19
C PHE A 213 -14.56 25.88 -1.85
N LEU A 214 -14.14 24.64 -1.68
CA LEU A 214 -15.04 23.54 -1.39
C LEU A 214 -14.92 23.24 0.08
N ALA A 215 -16.04 23.21 0.79
CA ALA A 215 -15.97 22.93 2.21
C ALA A 215 -16.61 21.59 2.57
N GLU A 216 -16.17 20.99 3.68
CA GLU A 216 -16.76 19.73 4.13
C GLU A 216 -17.41 19.96 5.49
N ILE A 217 -18.70 20.21 5.46
CA ILE A 217 -19.44 20.44 6.68
C ILE A 217 -20.50 19.36 6.68
N TRP A 218 -20.09 18.16 7.07
CA TRP A 218 -21.02 17.03 7.09
C TRP A 218 -22.07 17.32 8.15
N ALA A 219 -23.17 17.94 7.75
CA ALA A 219 -24.21 18.27 8.69
C ALA A 219 -25.62 18.45 8.11
N GLU A 220 -26.51 18.95 8.96
CA GLU A 220 -27.91 19.22 8.62
C GLU A 220 -27.91 20.34 7.59
N ALA A 221 -28.77 20.21 6.57
CA ALA A 221 -28.85 21.22 5.51
C ALA A 221 -28.79 22.62 6.10
N ARG A 222 -29.58 22.86 7.14
CA ARG A 222 -29.64 24.17 7.79
C ARG A 222 -28.28 24.84 8.08
N MET A 223 -27.30 24.10 8.59
CA MET A 223 -25.97 24.66 8.89
C MET A 223 -25.13 24.99 7.67
N VAL A 224 -25.08 24.06 6.73
CA VAL A 224 -24.33 24.23 5.51
C VAL A 224 -24.59 25.58 4.85
N ASP A 225 -25.79 26.14 5.04
CA ASP A 225 -26.16 27.43 4.44
C ASP A 225 -25.36 28.61 4.98
N GLU A 226 -25.30 28.67 6.30
CA GLU A 226 -24.60 29.72 7.00
C GLU A 226 -23.19 29.92 6.49
N HIS A 227 -22.52 28.82 6.18
CA HIS A 227 -21.16 28.89 5.64
C HIS A 227 -21.33 29.01 4.14
N GLY A 228 -22.32 28.28 3.64
CA GLY A 228 -22.62 28.24 2.23
C GLY A 228 -22.02 29.35 1.39
N ARG A 229 -22.60 30.53 1.54
CA ARG A 229 -22.18 31.70 0.78
C ARG A 229 -20.67 31.92 0.82
N ILE A 230 -20.10 31.91 2.02
CA ILE A 230 -18.68 32.17 2.25
C ILE A 230 -17.67 31.41 1.39
N PHE A 231 -17.99 30.15 1.08
CA PHE A 231 -17.10 29.33 0.26
C PHE A 231 -17.48 29.44 -1.21
N GLY A 232 -18.74 29.19 -1.50
CA GLY A 232 -19.22 29.24 -2.87
C GLY A 232 -19.49 27.84 -3.40
N TYR A 233 -18.86 26.85 -2.77
CA TYR A 233 -19.00 25.44 -3.14
C TYR A 233 -19.10 24.63 -1.86
N MET A 234 -20.30 24.15 -1.56
CA MET A 234 -20.50 23.36 -0.36
C MET A 234 -20.80 21.89 -0.68
N LEU A 235 -20.08 20.98 -0.03
CA LEU A 235 -20.30 19.55 -0.22
C LEU A 235 -21.68 19.18 0.31
N ASN A 236 -22.56 18.76 -0.61
CA ASN A 236 -23.95 18.40 -0.31
C ASN A 236 -24.12 16.95 0.08
N PHE A 237 -23.81 16.61 1.33
CA PHE A 237 -23.96 15.24 1.78
C PHE A 237 -25.42 14.87 1.78
N ASP A 238 -26.26 15.86 2.04
CA ASP A 238 -27.70 15.64 2.08
C ASP A 238 -28.14 14.85 0.86
N THR A 239 -28.24 15.56 -0.25
CA THR A 239 -28.68 15.00 -1.51
C THR A 239 -27.84 13.85 -2.02
N SER A 240 -26.53 13.94 -1.85
CA SER A 240 -25.68 12.85 -2.32
C SER A 240 -26.19 11.51 -1.79
N HIS A 241 -26.67 11.52 -0.55
CA HIS A 241 -27.21 10.31 0.07
C HIS A 241 -28.60 10.01 -0.46
N CYS A 242 -29.48 10.99 -0.30
CA CYS A 242 -30.87 10.89 -0.72
C CYS A 242 -31.11 10.36 -2.12
N ILE A 243 -30.20 10.64 -3.06
CA ILE A 243 -30.36 10.14 -4.43
C ILE A 243 -30.28 8.63 -4.40
N LYS A 244 -29.25 8.12 -3.71
CA LYS A 244 -29.03 6.68 -3.61
C LYS A 244 -30.07 6.00 -2.75
N GLU A 245 -30.44 6.67 -1.65
CA GLU A 245 -31.43 6.13 -0.76
C GLU A 245 -32.78 6.04 -1.48
N ALA A 246 -33.10 7.07 -2.28
CA ALA A 246 -34.36 7.10 -3.04
C ALA A 246 -34.40 6.03 -4.13
N VAL A 247 -33.27 5.87 -4.83
CA VAL A 247 -33.13 4.87 -5.88
C VAL A 247 -33.19 3.48 -5.28
N TRP A 248 -32.64 3.36 -4.07
CA TRP A 248 -32.61 2.11 -3.32
C TRP A 248 -34.01 1.77 -2.79
N LYS A 249 -34.60 2.67 -2.02
CA LYS A 249 -35.93 2.46 -1.49
C LYS A 249 -37.01 2.77 -2.56
N GLU A 250 -36.60 2.80 -3.83
CA GLU A 250 -37.50 3.08 -4.96
C GLU A 250 -38.58 4.10 -4.62
N ASN A 251 -38.23 5.14 -3.87
CA ASN A 251 -39.20 6.16 -3.49
C ASN A 251 -38.67 7.59 -3.61
N THR A 252 -39.42 8.41 -4.33
CA THR A 252 -39.04 9.81 -4.57
C THR A 252 -39.08 10.75 -3.36
N ARG A 253 -39.93 10.45 -2.39
CA ARG A 253 -40.09 11.28 -1.18
C ARG A 253 -38.82 11.98 -0.71
N VAL A 254 -37.97 11.23 -0.03
CA VAL A 254 -36.72 11.76 0.51
C VAL A 254 -35.88 12.60 -0.47
N LEU A 255 -35.90 12.23 -1.75
CA LEU A 255 -35.16 12.92 -2.81
C LEU A 255 -35.80 14.27 -3.11
N ILE A 256 -37.13 14.28 -3.09
CA ILE A 256 -37.93 15.48 -3.33
C ILE A 256 -37.68 16.40 -2.16
N GLU A 257 -37.83 15.85 -0.96
CA GLU A 257 -37.60 16.62 0.27
C GLU A 257 -36.19 17.20 0.33
N SER A 258 -35.20 16.38 -0.02
CA SER A 258 -33.81 16.78 -0.01
C SER A 258 -33.47 17.74 -1.14
N ILE A 259 -34.15 17.62 -2.27
CA ILE A 259 -33.88 18.53 -3.37
C ILE A 259 -34.30 19.94 -2.97
N GLU A 260 -35.55 20.08 -2.52
CA GLU A 260 -36.11 21.37 -2.09
C GLU A 260 -35.28 21.88 -0.90
N ARG A 261 -35.00 20.95 0.00
CA ARG A 261 -34.26 21.21 1.21
C ARG A 261 -32.81 21.64 1.04
N ALA A 262 -32.03 20.87 0.27
CA ALA A 262 -30.60 21.18 0.11
C ALA A 262 -30.07 21.63 -1.25
N VAL A 263 -30.95 21.93 -2.20
CA VAL A 263 -30.48 22.38 -3.51
C VAL A 263 -31.08 23.71 -3.95
N ILE A 264 -32.41 23.71 -4.02
CA ILE A 264 -33.18 24.86 -4.46
C ILE A 264 -32.79 26.21 -3.86
N ALA A 265 -32.43 27.12 -4.77
CA ALA A 265 -32.04 28.50 -4.48
C ALA A 265 -31.08 28.67 -3.31
N LYS A 266 -29.79 28.73 -3.60
CA LYS A 266 -28.79 28.85 -2.56
C LYS A 266 -27.73 29.90 -2.94
N ASP A 267 -27.29 30.66 -1.93
CA ASP A 267 -26.32 31.72 -2.08
C ASP A 267 -24.97 31.16 -2.48
N TYR A 268 -24.94 29.83 -2.67
CA TYR A 268 -23.73 29.10 -3.04
C TYR A 268 -24.04 27.93 -3.99
N LEU A 269 -23.00 27.15 -4.34
CA LEU A 269 -23.15 25.98 -5.23
C LEU A 269 -23.02 24.66 -4.48
N PRO A 270 -24.15 23.95 -4.27
CA PRO A 270 -24.04 22.67 -3.56
C PRO A 270 -23.34 21.66 -4.45
N VAL A 271 -22.26 21.09 -3.94
CA VAL A 271 -21.51 20.09 -4.69
C VAL A 271 -22.09 18.71 -4.35
N ASN A 272 -22.74 18.11 -5.35
CA ASN A 272 -23.37 16.81 -5.22
C ASN A 272 -22.47 15.72 -5.78
N PHE A 273 -22.23 14.67 -4.99
CA PHE A 273 -21.36 13.59 -5.43
C PHE A 273 -21.96 12.18 -5.45
N THR A 274 -21.25 11.27 -6.11
CA THR A 274 -21.62 9.86 -6.22
C THR A 274 -21.36 9.17 -4.84
N SER A 275 -20.16 9.36 -4.32
CA SER A 275 -19.78 8.84 -3.02
C SER A 275 -18.40 9.40 -2.71
N ASN A 276 -17.80 8.97 -1.59
CA ASN A 276 -16.46 9.42 -1.22
C ASN A 276 -15.75 8.38 -0.37
N HIS A 277 -14.54 8.72 0.05
CA HIS A 277 -13.66 7.85 0.84
C HIS A 277 -14.08 7.54 2.29
N ASP A 278 -15.07 8.27 2.80
CA ASP A 278 -15.56 8.06 4.17
C ASP A 278 -16.82 7.21 4.22
N MET A 279 -17.13 6.55 3.11
CA MET A 279 -18.33 5.73 3.02
C MET A 279 -18.16 4.70 1.93
N SER A 280 -19.14 3.81 1.83
CA SER A 280 -19.10 2.78 0.79
C SER A 280 -19.27 3.44 -0.58
N ARG A 281 -18.68 2.85 -1.60
CA ARG A 281 -18.80 3.41 -2.93
C ARG A 281 -20.21 3.25 -3.51
N LEU A 282 -20.57 4.13 -4.45
CA LEU A 282 -21.88 4.11 -5.08
C LEU A 282 -22.35 2.69 -5.35
N ALA A 283 -21.51 1.93 -6.03
CA ALA A 283 -21.80 0.54 -6.40
C ALA A 283 -22.05 -0.46 -5.25
N SER A 284 -21.82 -0.03 -4.01
CA SER A 284 -22.02 -0.88 -2.82
C SER A 284 -23.03 -0.30 -1.83
N PHE A 285 -23.88 0.62 -2.29
CA PHE A 285 -24.83 1.26 -1.40
C PHE A 285 -25.89 0.34 -0.81
N GLU A 286 -25.83 0.14 0.51
CA GLU A 286 -26.79 -0.71 1.19
C GLU A 286 -26.68 -2.13 0.67
N GLY A 287 -25.55 -2.77 0.93
CA GLY A 287 -25.37 -4.14 0.45
C GLY A 287 -25.24 -4.16 -1.07
N GLY A 288 -24.68 -3.07 -1.62
CA GLY A 288 -24.48 -2.96 -3.06
C GLY A 288 -25.75 -3.05 -3.87
N PHE A 289 -25.78 -2.43 -5.05
CA PHE A 289 -26.99 -2.56 -5.84
C PHE A 289 -26.87 -2.55 -7.37
N SER A 290 -27.93 -3.09 -7.99
CA SER A 290 -28.11 -3.26 -9.43
C SER A 290 -27.33 -2.36 -10.36
N LYS A 291 -26.82 -2.95 -11.44
CA LYS A 291 -26.04 -2.22 -12.42
C LYS A 291 -26.85 -1.11 -13.04
N GLU A 292 -28.15 -1.36 -13.16
CA GLU A 292 -29.07 -0.39 -13.75
C GLU A 292 -29.46 0.69 -12.74
N LYS A 293 -29.38 0.36 -11.46
CA LYS A 293 -29.69 1.31 -10.40
C LYS A 293 -28.52 2.28 -10.20
N ILE A 294 -27.31 1.78 -10.42
CA ILE A 294 -26.09 2.57 -10.33
C ILE A 294 -26.14 3.72 -11.36
N LYS A 295 -26.55 3.40 -12.58
CA LYS A 295 -26.66 4.38 -13.67
C LYS A 295 -27.69 5.45 -13.31
N LEU A 296 -28.86 5.00 -12.87
CA LEU A 296 -29.95 5.88 -12.48
C LEU A 296 -29.49 6.90 -11.43
N SER A 297 -28.62 6.48 -10.53
CA SER A 297 -28.13 7.36 -9.48
C SER A 297 -27.20 8.38 -10.10
N ILE A 298 -26.49 7.98 -11.13
CA ILE A 298 -25.56 8.86 -11.83
C ILE A 298 -26.35 9.85 -12.71
N SER A 299 -27.46 9.38 -13.30
CA SER A 299 -28.33 10.21 -14.15
C SER A 299 -28.96 11.32 -13.34
N ILE A 300 -29.51 10.95 -12.19
CA ILE A 300 -30.16 11.91 -11.29
C ILE A 300 -29.16 12.97 -10.85
N LEU A 301 -27.97 12.52 -10.47
CA LEU A 301 -26.90 13.40 -10.02
C LEU A 301 -26.57 14.46 -11.08
N PHE A 302 -26.51 14.04 -12.34
CA PHE A 302 -26.20 14.97 -13.44
C PHE A 302 -27.38 15.75 -14.03
N THR A 303 -28.59 15.48 -13.54
CA THR A 303 -29.81 16.17 -14.00
C THR A 303 -30.42 16.94 -12.82
N LEU A 304 -29.57 17.44 -11.95
CA LEU A 304 -30.01 18.21 -10.80
C LEU A 304 -29.02 19.35 -10.71
N PRO A 305 -29.50 20.55 -10.34
CA PRO A 305 -28.57 21.68 -10.23
C PRO A 305 -27.50 21.46 -9.14
N GLY A 306 -26.48 22.30 -9.12
CA GLY A 306 -25.39 22.17 -8.18
C GLY A 306 -24.19 21.72 -9.00
N VAL A 307 -23.11 21.30 -8.36
CA VAL A 307 -21.93 20.84 -9.10
C VAL A 307 -21.73 19.33 -8.90
N PRO A 308 -21.89 18.53 -9.97
CA PRO A 308 -21.73 17.08 -9.89
C PRO A 308 -20.28 16.61 -9.78
N LEU A 309 -20.00 15.83 -8.73
CA LEU A 309 -18.67 15.32 -8.46
C LEU A 309 -18.69 13.79 -8.50
N VAL A 310 -17.66 13.20 -9.09
CA VAL A 310 -17.55 11.75 -9.18
C VAL A 310 -16.28 11.29 -8.47
N PHE A 311 -16.42 10.43 -7.48
CA PHE A 311 -15.28 9.89 -6.73
C PHE A 311 -14.64 8.90 -7.70
N TYR A 312 -13.37 9.09 -8.02
CA TYR A 312 -12.62 8.24 -8.96
C TYR A 312 -13.00 6.76 -8.90
N GLY A 313 -13.38 6.19 -10.04
CA GLY A 313 -13.77 4.80 -10.09
C GLY A 313 -15.28 4.62 -10.03
N ASP A 314 -16.02 5.61 -9.55
CA ASP A 314 -17.48 5.50 -9.48
C ASP A 314 -18.14 5.47 -10.85
N GLU A 315 -17.43 5.98 -11.87
CA GLU A 315 -17.94 6.00 -13.24
C GLU A 315 -17.79 4.61 -13.86
N LEU A 316 -17.11 3.72 -13.15
CA LEU A 316 -16.90 2.33 -13.59
C LEU A 316 -17.71 1.41 -12.66
N GLY A 317 -18.21 1.98 -11.57
CA GLY A 317 -18.98 1.20 -10.61
C GLY A 317 -18.08 0.35 -9.74
N MET A 318 -16.86 0.82 -9.48
CA MET A 318 -15.92 0.08 -8.65
C MET A 318 -16.62 -0.22 -7.33
N LYS A 319 -16.46 -1.45 -6.84
CA LYS A 319 -17.07 -1.84 -5.59
C LYS A 319 -16.24 -1.41 -4.38
N GLY A 320 -16.85 -1.41 -3.21
CA GLY A 320 -16.13 -1.06 -2.01
C GLY A 320 -17.07 -0.86 -0.84
N VAL A 321 -16.84 -1.55 0.28
CA VAL A 321 -17.66 -1.36 1.47
C VAL A 321 -16.82 -0.66 2.54
N TYR A 322 -17.32 0.46 3.05
CA TYR A 322 -16.58 1.19 4.05
C TYR A 322 -16.29 0.32 5.24
N GLN A 323 -15.06 0.43 5.74
CA GLN A 323 -14.66 -0.34 6.89
C GLN A 323 -13.56 0.35 7.68
N LYS A 324 -13.44 -0.03 8.93
CA LYS A 324 -12.44 0.51 9.85
C LYS A 324 -11.68 -0.63 10.56
N PRO A 325 -10.41 -0.39 10.91
CA PRO A 325 -9.66 0.86 10.69
C PRO A 325 -8.94 0.89 9.32
N ASN A 326 -9.19 -0.14 8.52
CA ASN A 326 -8.60 -0.25 7.20
C ASN A 326 -9.50 0.42 6.16
N THR A 327 -9.50 1.75 6.19
CA THR A 327 -10.31 2.54 5.28
C THR A 327 -9.79 2.53 3.83
N GLU A 328 -8.73 1.75 3.55
CA GLU A 328 -8.18 1.71 2.21
C GLU A 328 -8.85 0.66 1.34
N VAL A 329 -9.98 0.15 1.81
CA VAL A 329 -10.71 -0.86 1.07
C VAL A 329 -11.55 -0.16 0.01
N VAL A 330 -11.77 1.13 0.23
CA VAL A 330 -12.54 1.94 -0.68
C VAL A 330 -11.60 2.83 -1.48
N LEU A 331 -10.33 2.45 -1.53
CA LEU A 331 -9.35 3.21 -2.27
C LEU A 331 -8.56 2.26 -3.15
N ASP A 332 -9.27 1.32 -3.77
CA ASP A 332 -8.64 0.34 -4.63
C ASP A 332 -7.97 0.99 -5.83
N PRO A 333 -7.03 0.28 -6.46
CA PRO A 333 -6.33 0.79 -7.64
C PRO A 333 -7.35 0.97 -8.78
N PHE A 334 -7.25 2.10 -9.49
CA PHE A 334 -8.15 2.38 -10.61
C PHE A 334 -7.77 1.37 -11.70
N PRO A 335 -8.74 0.54 -12.16
CA PRO A 335 -8.51 -0.47 -13.20
C PRO A 335 -8.56 0.10 -14.61
N TRP A 336 -7.41 0.22 -15.28
CA TRP A 336 -7.37 0.75 -16.63
C TRP A 336 -7.70 -0.31 -17.67
N ASN A 337 -7.20 -1.52 -17.49
CA ASN A 337 -7.55 -2.62 -18.38
C ASN A 337 -7.92 -3.79 -17.50
N GLU A 338 -8.42 -4.88 -18.08
CA GLU A 338 -8.85 -6.04 -17.30
C GLU A 338 -7.77 -6.82 -16.56
N SER A 339 -6.57 -6.89 -17.12
CA SER A 339 -5.50 -7.58 -16.44
C SER A 339 -4.90 -6.70 -15.34
N MET A 340 -5.19 -5.40 -15.38
CA MET A 340 -4.65 -4.45 -14.43
C MET A 340 -3.13 -4.50 -14.57
N CYS A 341 -2.68 -4.59 -15.81
CA CYS A 341 -1.27 -4.65 -16.14
C CYS A 341 -1.06 -3.83 -17.39
N VAL A 342 -0.87 -2.54 -17.21
CA VAL A 342 -0.65 -1.64 -18.34
C VAL A 342 0.17 -0.46 -17.90
N GLU A 343 0.92 0.08 -18.84
CA GLU A 343 1.74 1.25 -18.58
C GLU A 343 0.78 2.26 -17.92
N GLY A 344 0.91 2.44 -16.61
CA GLY A 344 0.07 3.42 -15.95
C GLY A 344 -0.73 2.91 -14.76
N GLN A 345 -1.06 1.63 -14.81
CA GLN A 345 -1.84 1.00 -13.76
C GLN A 345 -1.18 1.03 -12.39
N THR A 346 -1.97 1.31 -11.36
CA THR A 346 -1.45 1.29 -9.99
C THR A 346 -1.71 -0.12 -9.45
N PHE A 347 -0.97 -0.49 -8.41
CA PHE A 347 -1.14 -1.82 -7.84
C PHE A 347 -0.33 -1.86 -6.55
N TRP A 348 -0.34 -0.76 -5.82
CA TRP A 348 0.41 -0.67 -4.57
C TRP A 348 -0.01 -1.71 -3.52
N LYS A 349 -1.17 -2.32 -3.71
CA LYS A 349 -1.64 -3.36 -2.81
C LYS A 349 -2.64 -4.19 -3.63
N TRP A 350 -2.84 -5.46 -3.30
CA TRP A 350 -3.79 -6.26 -4.07
C TRP A 350 -5.20 -5.75 -3.79
N PRO A 351 -5.99 -5.52 -4.87
CA PRO A 351 -7.36 -5.03 -4.76
C PRO A 351 -8.22 -5.76 -3.73
N ALA A 352 -8.95 -4.99 -2.92
CA ALA A 352 -9.83 -5.55 -1.90
C ALA A 352 -11.19 -5.94 -2.49
N TYR A 353 -11.80 -5.02 -3.23
CA TYR A 353 -13.09 -5.27 -3.84
C TYR A 353 -13.09 -5.33 -5.35
N ASN A 354 -12.11 -4.68 -5.96
CA ASN A 354 -12.01 -4.64 -7.42
C ASN A 354 -10.71 -5.22 -7.98
N GLY A 355 -10.69 -6.55 -8.15
CA GLY A 355 -9.50 -7.25 -8.65
C GLY A 355 -9.39 -7.35 -10.17
N PRO A 356 -8.33 -7.99 -10.68
CA PRO A 356 -8.16 -8.11 -12.13
C PRO A 356 -9.29 -8.91 -12.77
N PHE A 357 -9.46 -8.74 -14.07
CA PHE A 357 -10.50 -9.43 -14.83
C PHE A 357 -11.85 -9.44 -14.14
N SER A 358 -12.37 -8.25 -13.80
CA SER A 358 -13.66 -8.15 -13.14
C SER A 358 -14.71 -7.63 -14.12
N GLY A 359 -14.23 -7.20 -15.28
CA GLY A 359 -15.12 -6.68 -16.30
C GLY A 359 -15.50 -5.25 -16.02
N ILE A 360 -14.75 -4.61 -15.14
CA ILE A 360 -15.04 -3.23 -14.78
C ILE A 360 -13.95 -2.22 -15.13
N SER A 361 -12.92 -2.64 -15.85
CA SER A 361 -11.85 -1.71 -16.20
C SER A 361 -12.28 -0.70 -17.25
N VAL A 362 -11.46 0.35 -17.40
CA VAL A 362 -11.71 1.42 -18.37
C VAL A 362 -11.66 0.88 -19.79
N GLU A 363 -10.64 0.07 -20.09
CA GLU A 363 -10.51 -0.50 -21.42
C GLU A 363 -11.58 -1.54 -21.71
N TYR A 364 -12.17 -2.13 -20.68
CA TYR A 364 -13.22 -3.11 -20.90
C TYR A 364 -14.52 -2.37 -21.17
N GLN A 365 -14.92 -1.56 -20.18
CA GLN A 365 -16.15 -0.79 -20.26
C GLN A 365 -16.22 0.19 -21.41
N LYS A 366 -15.10 0.80 -21.75
CA LYS A 366 -15.07 1.75 -22.85
C LYS A 366 -15.76 1.15 -24.09
N ARG A 367 -15.52 -0.13 -24.34
CA ARG A 367 -16.11 -0.81 -25.49
C ARG A 367 -17.60 -1.10 -25.43
N ASP A 368 -18.01 -1.94 -24.48
CA ASP A 368 -19.43 -2.27 -24.32
C ASP A 368 -20.29 -1.03 -24.16
N PRO A 369 -21.11 -0.71 -25.17
CA PRO A 369 -21.97 0.48 -25.11
C PRO A 369 -22.98 0.42 -23.94
N ASP A 370 -23.07 -0.74 -23.30
CA ASP A 370 -23.99 -0.91 -22.19
C ASP A 370 -23.33 -0.69 -20.81
N SER A 371 -22.02 -0.41 -20.80
CA SER A 371 -21.27 -0.23 -19.54
C SER A 371 -21.58 1.03 -18.74
N ILE A 372 -21.24 0.96 -17.45
CA ILE A 372 -21.49 2.10 -16.55
C ILE A 372 -20.65 3.30 -16.98
N LEU A 373 -19.46 3.05 -17.52
CA LEU A 373 -18.61 4.15 -17.97
C LEU A 373 -19.18 4.79 -19.23
N SER A 374 -19.57 3.94 -20.19
CA SER A 374 -20.16 4.40 -21.45
C SER A 374 -21.39 5.24 -21.18
N HIS A 375 -22.13 4.82 -20.15
CA HIS A 375 -23.33 5.50 -19.68
C HIS A 375 -22.96 6.88 -19.09
N THR A 376 -22.05 6.86 -18.11
CA THR A 376 -21.58 8.07 -17.45
C THR A 376 -20.99 8.98 -18.51
N LEU A 377 -20.24 8.42 -19.45
CA LEU A 377 -19.68 9.23 -20.52
C LEU A 377 -20.81 9.97 -21.22
N GLY A 378 -22.00 9.39 -21.15
CA GLY A 378 -23.16 10.00 -21.78
C GLY A 378 -23.61 11.25 -21.04
N TRP A 379 -23.81 11.14 -19.73
CA TRP A 379 -24.27 12.28 -18.94
C TRP A 379 -23.21 13.34 -18.70
N THR A 380 -21.95 12.93 -18.72
CA THR A 380 -20.88 13.90 -18.52
C THR A 380 -20.77 14.79 -19.75
N ARG A 381 -21.03 14.21 -20.93
CA ARG A 381 -20.99 14.94 -22.19
C ARG A 381 -22.18 15.88 -22.25
N PHE A 382 -23.34 15.38 -21.83
CA PHE A 382 -24.57 16.15 -21.80
C PHE A 382 -24.38 17.37 -20.89
N ARG A 383 -23.98 17.10 -19.65
CA ARG A 383 -23.79 18.17 -18.68
C ARG A 383 -22.70 19.15 -19.11
N LYS A 384 -21.82 18.72 -20.00
CA LYS A 384 -20.75 19.60 -20.48
C LYS A 384 -21.40 20.68 -21.33
N GLU A 385 -22.29 20.23 -22.22
CA GLU A 385 -23.03 21.11 -23.12
C GLU A 385 -24.12 21.94 -22.44
N ASN A 386 -24.43 21.64 -21.17
CA ASN A 386 -25.48 22.35 -20.42
C ASN A 386 -25.02 22.95 -19.08
N GLN A 387 -23.94 23.73 -19.10
CA GLN A 387 -23.44 24.34 -17.86
C GLN A 387 -24.45 25.29 -17.24
N TRP A 388 -25.53 25.57 -17.94
CA TRP A 388 -26.57 26.48 -17.43
C TRP A 388 -27.39 25.83 -16.31
N ILE A 389 -27.21 24.53 -16.12
CA ILE A 389 -27.95 23.78 -15.11
C ILE A 389 -27.40 23.99 -13.71
N ASP A 390 -26.15 24.42 -13.62
CA ASP A 390 -25.50 24.67 -12.33
C ASP A 390 -26.35 25.57 -11.43
N ARG A 391 -26.79 26.69 -12.00
CA ARG A 391 -27.60 27.59 -11.23
C ARG A 391 -29.08 27.50 -11.61
N ALA A 392 -29.37 26.78 -12.69
CA ALA A 392 -30.75 26.60 -13.17
C ALA A 392 -31.77 26.41 -12.04
N LYS A 393 -33.00 26.83 -12.29
CA LYS A 393 -34.10 26.74 -11.32
C LYS A 393 -34.87 25.45 -11.56
N LEU A 394 -35.37 24.84 -10.48
CA LEU A 394 -36.12 23.59 -10.58
C LEU A 394 -37.61 23.76 -10.25
N GLU A 395 -38.44 23.06 -11.02
CA GLU A 395 -39.88 23.12 -10.86
C GLU A 395 -40.50 21.73 -11.02
N PHE A 396 -40.98 21.16 -9.92
CA PHE A 396 -41.58 19.83 -9.95
C PHE A 396 -42.90 19.80 -10.71
N LEU A 397 -43.01 18.88 -11.67
CA LEU A 397 -44.24 18.73 -12.46
C LEU A 397 -44.88 17.40 -12.16
N CYS A 398 -44.21 16.58 -11.37
CA CYS A 398 -44.76 15.27 -11.04
C CYS A 398 -44.06 14.66 -9.83
N LYS A 399 -44.83 14.51 -8.76
CA LYS A 399 -44.34 13.96 -7.51
C LYS A 399 -45.08 12.67 -7.18
N GLU A 400 -44.87 11.64 -7.99
CA GLU A 400 -45.53 10.37 -7.72
C GLU A 400 -44.70 9.54 -6.78
N ASP A 401 -45.16 8.33 -6.50
CA ASP A 401 -44.41 7.46 -5.59
C ASP A 401 -43.18 6.87 -6.27
N LYS A 402 -43.35 6.19 -7.40
CA LYS A 402 -42.22 5.57 -8.11
C LYS A 402 -41.52 6.40 -9.21
N PHE A 403 -42.01 7.62 -9.48
CA PHE A 403 -41.39 8.45 -10.50
C PHE A 403 -41.44 9.96 -10.24
N LEU A 404 -40.40 10.64 -10.71
CA LEU A 404 -40.28 12.08 -10.53
C LEU A 404 -40.06 12.75 -11.88
N VAL A 405 -40.58 13.96 -12.02
CA VAL A 405 -40.43 14.76 -13.23
C VAL A 405 -40.49 16.22 -12.82
N TYR A 406 -39.43 16.96 -13.11
CA TYR A 406 -39.36 18.39 -12.81
C TYR A 406 -38.79 19.13 -14.00
N ARG A 407 -38.73 20.46 -13.89
CA ARG A 407 -38.21 21.29 -14.96
C ARG A 407 -37.09 22.23 -14.50
N LEU A 408 -36.00 22.24 -15.25
CA LEU A 408 -34.84 23.08 -14.98
C LEU A 408 -34.90 24.18 -16.02
N TYR A 409 -34.81 25.43 -15.59
CA TYR A 409 -34.88 26.55 -16.51
C TYR A 409 -34.13 27.78 -15.98
N ASP A 410 -33.85 28.73 -16.85
CA ASP A 410 -33.21 29.97 -16.45
C ASP A 410 -33.77 31.02 -17.42
N ASP A 411 -33.09 32.14 -17.61
CA ASP A 411 -33.60 33.16 -18.53
C ASP A 411 -33.74 32.72 -19.97
N GLN A 412 -32.76 31.96 -20.46
CA GLN A 412 -32.81 31.50 -21.85
C GLN A 412 -32.78 29.99 -22.01
N HIS A 413 -33.29 29.26 -21.02
CA HIS A 413 -33.32 27.80 -21.07
C HIS A 413 -34.49 27.16 -20.32
N SER A 414 -34.71 25.88 -20.63
CA SER A 414 -35.76 25.09 -20.00
C SER A 414 -35.69 23.63 -20.47
N LEU A 415 -35.34 22.75 -19.54
CA LEU A 415 -35.24 21.32 -19.82
C LEU A 415 -36.09 20.53 -18.84
N LYS A 416 -36.80 19.53 -19.36
CA LYS A 416 -37.68 18.70 -18.54
C LYS A 416 -37.08 17.32 -18.26
N VAL A 417 -36.97 16.98 -16.97
CA VAL A 417 -36.40 15.71 -16.57
C VAL A 417 -37.42 14.65 -16.15
N PHE A 418 -37.16 13.42 -16.56
CA PHE A 418 -38.02 12.28 -16.30
C PHE A 418 -37.21 11.15 -15.66
N HIS A 419 -37.43 10.93 -14.37
CA HIS A 419 -36.74 9.89 -13.63
C HIS A 419 -37.74 8.82 -13.22
N ASN A 420 -37.51 7.57 -13.65
CA ASN A 420 -38.39 6.48 -13.26
C ASN A 420 -37.62 5.61 -12.28
N LEU A 421 -38.07 5.57 -11.02
CA LEU A 421 -37.41 4.77 -10.01
C LEU A 421 -37.93 3.33 -9.92
N SER A 422 -39.05 3.04 -10.56
CA SER A 422 -39.54 1.66 -10.51
C SER A 422 -38.99 0.91 -11.69
N GLY A 423 -39.21 -0.40 -11.71
CA GLY A 423 -38.72 -1.21 -12.81
C GLY A 423 -39.88 -1.63 -13.69
N GLU A 424 -40.82 -0.72 -13.87
CA GLU A 424 -42.00 -0.96 -14.69
C GLU A 424 -42.40 0.39 -15.29
N GLU A 425 -42.51 0.45 -16.62
CA GLU A 425 -42.84 1.68 -17.32
C GLU A 425 -44.03 2.50 -16.85
N VAL A 426 -43.82 3.81 -16.92
CA VAL A 426 -44.81 4.79 -16.52
C VAL A 426 -44.74 5.93 -17.58
N VAL A 427 -45.87 6.58 -17.86
CA VAL A 427 -45.94 7.63 -18.87
C VAL A 427 -46.32 9.02 -18.35
N PHE A 428 -45.67 10.04 -18.88
CA PHE A 428 -45.94 11.44 -18.49
C PHE A 428 -45.79 12.29 -19.73
N GLU A 429 -46.75 13.18 -19.98
CA GLU A 429 -46.71 14.07 -21.15
C GLU A 429 -46.27 13.36 -22.41
N GLY A 430 -46.95 12.26 -22.71
CA GLY A 430 -46.64 11.49 -23.91
C GLY A 430 -45.35 10.72 -23.84
N VAL A 431 -44.47 11.14 -22.93
CA VAL A 431 -43.17 10.51 -22.72
C VAL A 431 -43.29 9.13 -22.04
N LYS A 432 -42.63 8.13 -22.63
CA LYS A 432 -42.65 6.78 -22.08
C LYS A 432 -41.39 6.55 -21.29
N MET A 433 -41.42 6.95 -20.02
CA MET A 433 -40.28 6.80 -19.12
C MET A 433 -40.00 5.29 -18.89
N LYS A 434 -38.86 4.82 -19.36
CA LYS A 434 -38.51 3.42 -19.22
C LYS A 434 -38.11 3.11 -17.77
N PRO A 435 -38.04 1.82 -17.40
CA PRO A 435 -37.67 1.42 -16.04
C PRO A 435 -36.25 1.84 -15.65
N TYR A 436 -36.12 2.58 -14.56
CA TYR A 436 -34.82 3.03 -14.06
C TYR A 436 -34.06 3.93 -15.05
N LYS A 437 -34.78 4.80 -15.75
CA LYS A 437 -34.16 5.68 -16.73
C LYS A 437 -34.50 7.15 -16.56
N THR A 438 -33.56 7.98 -17.01
CA THR A 438 -33.70 9.43 -17.01
C THR A 438 -33.84 9.84 -18.47
N GLU A 439 -34.89 10.60 -18.77
CA GLU A 439 -35.13 11.08 -20.12
C GLU A 439 -34.90 12.58 -20.02
N VAL A 440 -34.58 13.21 -21.13
CA VAL A 440 -34.38 14.65 -21.10
C VAL A 440 -35.01 15.24 -22.35
N VAL A 441 -36.08 16.00 -22.15
CA VAL A 441 -36.82 16.63 -23.23
C VAL A 441 -36.67 18.16 -23.18
N MET B 1 28.21 -15.01 10.71
CA MET B 1 27.41 -14.21 9.73
C MET B 1 25.89 -14.37 9.96
N ILE B 2 25.22 -13.22 10.17
CA ILE B 2 23.77 -13.19 10.39
C ILE B 2 23.15 -12.36 9.30
N GLY B 3 22.05 -12.84 8.73
CA GLY B 3 21.40 -12.07 7.68
C GLY B 3 20.11 -11.42 8.16
N TYR B 4 19.53 -10.58 7.32
CA TYR B 4 18.27 -9.88 7.60
C TYR B 4 17.58 -9.55 6.26
N GLN B 5 16.43 -10.18 6.01
CA GLN B 5 15.69 -9.95 4.78
C GLN B 5 14.71 -8.81 4.95
N ILE B 6 14.93 -7.74 4.19
CA ILE B 6 14.08 -6.57 4.29
C ILE B 6 13.19 -6.25 3.08
N TYR B 7 11.89 -6.10 3.33
CA TYR B 7 10.94 -5.71 2.30
C TYR B 7 10.98 -4.20 2.56
N VAL B 8 11.64 -3.49 1.67
CA VAL B 8 11.85 -2.05 1.82
C VAL B 8 10.67 -1.16 2.21
N ARG B 9 9.52 -1.33 1.55
CA ARG B 9 8.34 -0.52 1.83
C ARG B 9 7.78 -0.67 3.24
N SER B 10 8.07 -1.78 3.91
CA SER B 10 7.52 -1.96 5.22
C SER B 10 8.49 -1.78 6.37
N PHE B 11 9.75 -1.46 6.05
CA PHE B 11 10.75 -1.27 7.10
C PHE B 11 10.82 0.16 7.71
N ARG B 12 11.68 1.00 7.17
CA ARG B 12 11.82 2.37 7.68
C ARG B 12 11.65 3.44 6.60
N ASP B 13 10.93 4.50 6.96
CA ASP B 13 10.65 5.62 6.06
C ASP B 13 11.63 6.77 6.29
N GLY B 14 12.30 7.18 5.22
CA GLY B 14 13.25 8.26 5.28
C GLY B 14 12.83 9.54 4.60
N ASN B 15 11.66 9.56 3.96
CA ASN B 15 11.19 10.77 3.30
C ASN B 15 9.80 11.21 3.77
N LEU B 16 9.44 10.81 5.00
CA LEU B 16 8.16 11.17 5.62
C LEU B 16 6.89 11.02 4.82
N ASP B 17 6.79 9.95 4.04
CA ASP B 17 5.60 9.70 3.25
C ASP B 17 4.99 8.40 3.77
N GLY B 18 5.52 7.94 4.91
CA GLY B 18 5.03 6.71 5.50
C GLY B 18 5.19 5.50 4.59
N VAL B 19 6.25 5.51 3.78
CA VAL B 19 6.56 4.40 2.86
C VAL B 19 8.06 4.14 3.01
N GLY B 20 8.45 2.87 3.00
CA GLY B 20 9.86 2.53 3.13
C GLY B 20 10.68 2.97 1.92
N ASP B 21 11.93 3.35 2.16
CA ASP B 21 12.75 3.81 1.07
C ASP B 21 14.23 3.64 1.37
N PHE B 22 15.08 4.07 0.45
CA PHE B 22 16.52 3.94 0.64
C PHE B 22 17.06 4.85 1.71
N ARG B 23 16.39 5.98 1.91
CA ARG B 23 16.82 6.94 2.93
C ARG B 23 16.53 6.46 4.34
N GLY B 24 15.39 5.82 4.54
CA GLY B 24 15.05 5.31 5.86
C GLY B 24 15.89 4.07 6.15
N LEU B 25 16.12 3.29 5.10
CA LEU B 25 16.89 2.06 5.18
C LEU B 25 18.26 2.44 5.74
N LYS B 26 18.74 3.59 5.29
CA LYS B 26 20.00 4.15 5.71
C LYS B 26 19.88 4.53 7.20
N ASN B 27 18.76 5.12 7.56
CA ASN B 27 18.51 5.53 8.92
C ASN B 27 18.21 4.34 9.83
N ALA B 28 18.06 3.16 9.24
CA ALA B 28 17.76 1.96 10.03
C ALA B 28 19.03 1.18 10.38
N VAL B 29 20.18 1.76 10.05
CA VAL B 29 21.47 1.13 10.29
C VAL B 29 21.83 0.90 11.73
N SER B 30 21.57 1.87 12.61
CA SER B 30 21.90 1.67 14.01
C SER B 30 21.15 0.43 14.48
N TYR B 31 19.87 0.37 14.16
CA TYR B 31 19.06 -0.77 14.56
C TYR B 31 19.75 -2.06 14.16
N LEU B 32 20.00 -2.20 12.86
CA LEU B 32 20.63 -3.40 12.30
C LEU B 32 22.00 -3.78 12.88
N LYS B 33 22.87 -2.79 13.09
CA LYS B 33 24.20 -3.04 13.62
C LYS B 33 24.12 -3.56 15.04
N GLU B 34 23.16 -3.01 15.78
CA GLU B 34 22.93 -3.37 17.16
C GLU B 34 22.15 -4.70 17.24
N LEU B 35 21.46 -5.06 16.16
CA LEU B 35 20.72 -6.32 16.13
C LEU B 35 21.71 -7.41 15.75
N GLY B 36 22.92 -6.99 15.40
CA GLY B 36 23.98 -7.92 15.02
C GLY B 36 23.96 -8.40 13.58
N ILE B 37 23.34 -7.61 12.71
CA ILE B 37 23.23 -7.97 11.30
C ILE B 37 24.52 -7.70 10.51
N ASP B 38 24.97 -8.75 9.82
CA ASP B 38 26.17 -8.71 9.01
C ASP B 38 25.86 -8.29 7.59
N PHE B 39 24.68 -8.66 7.11
CA PHE B 39 24.26 -8.29 5.75
C PHE B 39 22.75 -8.37 5.60
N VAL B 40 22.17 -7.39 4.91
CA VAL B 40 20.74 -7.36 4.69
C VAL B 40 20.47 -7.77 3.25
N TRP B 41 19.46 -8.59 3.08
CA TRP B 41 19.06 -8.99 1.75
C TRP B 41 17.85 -8.07 1.56
N LEU B 42 17.82 -7.35 0.45
CA LEU B 42 16.72 -6.43 0.15
C LEU B 42 15.79 -6.91 -0.95
N MET B 43 14.51 -7.15 -0.63
CA MET B 43 13.55 -7.62 -1.63
C MET B 43 13.60 -6.67 -2.80
N PRO B 44 13.23 -7.16 -4.01
CA PRO B 44 13.25 -6.36 -5.25
C PRO B 44 13.14 -4.83 -5.12
N VAL B 45 14.21 -4.16 -5.54
CA VAL B 45 14.28 -2.69 -5.50
C VAL B 45 14.24 -2.05 -6.89
N PHE B 46 14.01 -2.86 -7.91
CA PHE B 46 13.96 -2.38 -9.28
C PHE B 46 12.55 -1.96 -9.64
N SER B 47 12.41 -1.14 -10.68
CA SER B 47 11.08 -0.68 -11.09
C SER B 47 10.17 -1.83 -11.54
N SER B 48 8.95 -1.84 -11.01
CA SER B 48 7.93 -2.84 -11.28
C SER B 48 6.62 -2.24 -10.81
N ILE B 49 5.48 -2.70 -11.29
CA ILE B 49 4.25 -2.10 -10.79
C ILE B 49 3.60 -2.90 -9.68
N SER B 50 4.17 -4.05 -9.32
CA SER B 50 3.60 -4.83 -8.23
C SER B 50 4.07 -4.29 -6.88
N PHE B 51 3.47 -4.77 -5.81
CA PHE B 51 3.87 -4.30 -4.50
C PHE B 51 5.11 -5.08 -4.05
N HIS B 52 5.19 -6.34 -4.46
CA HIS B 52 6.37 -7.12 -4.09
C HIS B 52 7.56 -6.73 -4.96
N GLY B 53 7.33 -6.65 -6.28
CA GLY B 53 8.36 -6.24 -7.21
C GLY B 53 9.21 -7.33 -7.86
N TYR B 54 8.63 -8.49 -8.11
CA TYR B 54 9.36 -9.60 -8.73
C TYR B 54 9.23 -9.62 -10.26
N ASP B 55 8.25 -8.86 -10.77
CA ASP B 55 8.02 -8.74 -12.20
C ASP B 55 8.66 -7.40 -12.57
N VAL B 56 9.96 -7.43 -12.85
CA VAL B 56 10.69 -6.20 -13.17
C VAL B 56 10.40 -5.64 -14.54
N VAL B 57 10.47 -4.33 -14.68
CA VAL B 57 10.19 -3.69 -15.96
C VAL B 57 11.43 -2.95 -16.44
N ASP B 58 12.52 -3.14 -15.71
CA ASP B 58 13.78 -2.49 -16.03
C ASP B 58 14.65 -2.77 -14.79
N PHE B 59 15.89 -3.21 -15.00
CA PHE B 59 16.76 -3.47 -13.87
C PHE B 59 17.73 -2.32 -13.73
N TYR B 60 17.63 -1.34 -14.62
CA TYR B 60 18.52 -0.20 -14.56
C TYR B 60 17.93 1.02 -13.88
N SER B 61 16.79 0.83 -13.22
CA SER B 61 16.13 1.90 -12.52
C SER B 61 15.51 1.38 -11.23
N PHE B 62 15.56 2.18 -10.16
CA PHE B 62 14.99 1.80 -8.89
C PHE B 62 13.54 2.20 -8.66
N LYS B 63 12.81 1.38 -7.92
CA LYS B 63 11.40 1.63 -7.62
C LYS B 63 11.18 3.05 -7.10
N ALA B 64 10.65 3.91 -7.96
CA ALA B 64 10.36 5.29 -7.62
C ALA B 64 10.14 5.60 -6.13
N GLU B 65 9.22 4.84 -5.52
CA GLU B 65 8.85 5.00 -4.11
C GLU B 65 9.99 4.86 -3.10
N TYR B 66 10.93 3.97 -3.42
CA TYR B 66 12.08 3.74 -2.55
C TYR B 66 13.09 4.87 -2.71
N GLY B 67 13.10 5.48 -3.90
CA GLY B 67 14.00 6.58 -4.16
C GLY B 67 14.74 6.54 -5.48
N SER B 68 15.80 7.34 -5.57
CA SER B 68 16.62 7.43 -6.75
C SER B 68 17.88 6.60 -6.64
N GLU B 69 18.71 6.67 -7.68
CA GLU B 69 19.97 5.94 -7.71
C GLU B 69 20.86 6.67 -6.74
N ARG B 70 20.63 7.97 -6.67
CA ARG B 70 21.38 8.84 -5.77
C ARG B 70 21.25 8.26 -4.38
N GLU B 71 20.04 8.32 -3.85
CA GLU B 71 19.73 7.82 -2.52
C GLU B 71 20.12 6.37 -2.34
N PHE B 72 19.93 5.56 -3.39
CA PHE B 72 20.27 4.15 -3.30
C PHE B 72 21.73 3.98 -2.92
N LYS B 73 22.58 4.75 -3.59
CA LYS B 73 24.00 4.69 -3.35
C LYS B 73 24.45 5.38 -2.06
N GLU B 74 23.76 6.45 -1.65
CA GLU B 74 24.12 7.13 -0.41
C GLU B 74 23.85 6.15 0.73
N MET B 75 22.96 5.20 0.47
CA MET B 75 22.59 4.16 1.44
C MET B 75 23.65 3.05 1.40
N ILE B 76 24.02 2.65 0.20
CA ILE B 76 25.02 1.61 0.02
C ILE B 76 26.27 1.96 0.79
N GLU B 77 26.67 3.22 0.76
CA GLU B 77 27.88 3.60 1.46
C GLU B 77 27.72 3.49 2.99
N ALA B 78 26.63 4.05 3.52
CA ALA B 78 26.36 4.05 4.95
C ALA B 78 26.30 2.63 5.53
N PHE B 79 25.78 1.68 4.74
CA PHE B 79 25.70 0.30 5.19
C PHE B 79 27.09 -0.30 5.21
N HIS B 80 27.91 0.09 4.24
CA HIS B 80 29.28 -0.40 4.18
C HIS B 80 30.04 0.25 5.30
N ASP B 81 29.68 1.50 5.57
CA ASP B 81 30.25 2.32 6.65
C ASP B 81 30.16 1.62 7.99
N SER B 82 29.06 0.90 8.20
CA SER B 82 28.82 0.18 9.46
C SER B 82 29.12 -1.35 9.39
N GLY B 83 30.00 -1.72 8.48
CA GLY B 83 30.36 -3.11 8.38
C GLY B 83 29.25 -4.02 7.90
N ILE B 84 28.24 -3.46 7.23
CA ILE B 84 27.15 -4.29 6.71
C ILE B 84 27.16 -4.35 5.18
N LYS B 85 26.91 -5.55 4.66
CA LYS B 85 26.90 -5.76 3.22
C LYS B 85 25.48 -5.71 2.69
N VAL B 86 25.34 -5.34 1.42
CA VAL B 86 24.04 -5.22 0.81
C VAL B 86 23.87 -6.25 -0.28
N VAL B 87 23.05 -7.25 -0.01
CA VAL B 87 22.74 -8.28 -0.98
C VAL B 87 21.42 -7.81 -1.57
N LEU B 88 21.27 -7.89 -2.89
CA LEU B 88 20.03 -7.47 -3.54
C LEU B 88 19.26 -8.63 -4.13
N ASP B 89 17.94 -8.62 -3.95
CA ASP B 89 17.11 -9.65 -4.53
C ASP B 89 17.19 -9.29 -6.01
N LEU B 90 17.50 -10.27 -6.85
CA LEU B 90 17.64 -10.04 -8.28
C LEU B 90 16.71 -11.00 -9.03
N PRO B 91 15.54 -10.52 -9.50
CA PRO B 91 14.55 -11.33 -10.23
C PRO B 91 14.86 -11.47 -11.73
N ILE B 92 16.10 -11.89 -12.04
CA ILE B 92 16.55 -12.05 -13.42
C ILE B 92 16.05 -13.33 -14.11
N HIS B 93 15.18 -14.10 -13.46
CA HIS B 93 14.69 -15.31 -14.10
C HIS B 93 13.75 -14.94 -15.25
N HIS B 94 12.95 -13.91 -15.00
CA HIS B 94 11.95 -13.41 -15.91
C HIS B 94 11.89 -11.89 -15.81
N THR B 95 11.08 -11.30 -16.68
CA THR B 95 10.86 -9.85 -16.67
C THR B 95 9.35 -9.66 -16.51
N GLY B 96 8.93 -8.46 -16.17
CA GLY B 96 7.52 -8.20 -16.04
C GLY B 96 6.94 -8.12 -17.44
N PHE B 97 5.62 -8.31 -17.55
CA PHE B 97 4.95 -8.24 -18.84
C PHE B 97 5.24 -6.89 -19.54
N LEU B 98 5.26 -5.81 -18.75
CA LEU B 98 5.51 -4.48 -19.26
C LEU B 98 6.95 -4.17 -19.58
N HIS B 99 7.87 -5.02 -19.13
CA HIS B 99 9.28 -4.79 -19.41
C HIS B 99 9.47 -4.55 -20.91
N THR B 100 10.34 -3.61 -21.25
CA THR B 100 10.61 -3.26 -22.64
C THR B 100 10.81 -4.41 -23.61
N TRP B 101 11.77 -5.28 -23.31
CA TRP B 101 12.06 -6.41 -24.20
C TRP B 101 10.85 -7.23 -24.55
N PHE B 102 9.99 -7.48 -23.58
CA PHE B 102 8.83 -8.30 -23.90
C PHE B 102 7.80 -7.56 -24.73
N GLN B 103 7.73 -6.24 -24.55
CA GLN B 103 6.79 -5.43 -25.31
C GLN B 103 7.24 -5.39 -26.77
N LYS B 104 8.55 -5.31 -26.97
CA LYS B 104 9.11 -5.32 -28.31
C LYS B 104 8.96 -6.71 -28.90
N ALA B 105 9.11 -7.74 -28.06
CA ALA B 105 8.96 -9.13 -28.51
C ALA B 105 7.51 -9.41 -28.89
N LEU B 106 6.59 -8.62 -28.33
CA LEU B 106 5.17 -8.78 -28.62
C LEU B 106 4.84 -8.25 -30.01
N LYS B 107 5.70 -7.37 -30.51
CA LYS B 107 5.53 -6.80 -31.84
C LYS B 107 6.22 -7.69 -32.87
N GLY B 108 7.32 -8.34 -32.45
CA GLY B 108 8.03 -9.23 -33.35
C GLY B 108 9.51 -8.96 -33.53
N ASP B 109 10.02 -7.90 -32.90
CA ASP B 109 11.43 -7.54 -33.00
C ASP B 109 12.27 -8.81 -33.05
N PRO B 110 13.04 -8.99 -34.13
CA PRO B 110 13.88 -10.18 -34.27
C PRO B 110 14.80 -10.40 -33.07
N HIS B 111 15.43 -9.32 -32.61
CA HIS B 111 16.35 -9.38 -31.49
C HIS B 111 15.71 -9.78 -30.15
N TYR B 112 14.66 -9.07 -29.76
CA TYR B 112 13.98 -9.30 -28.49
C TYR B 112 12.96 -10.40 -28.43
N ARG B 113 12.43 -10.81 -29.58
CA ARG B 113 11.44 -11.87 -29.61
C ARG B 113 12.07 -13.16 -29.10
N ASP B 114 13.38 -13.26 -29.29
CA ASP B 114 14.13 -14.42 -28.87
C ASP B 114 14.73 -14.25 -27.48
N TYR B 115 14.22 -13.29 -26.72
CA TYR B 115 14.68 -13.05 -25.36
C TYR B 115 13.72 -13.79 -24.44
N TYR B 116 12.62 -14.27 -25.02
CA TYR B 116 11.59 -15.00 -24.28
C TYR B 116 11.34 -16.39 -24.84
N VAL B 117 10.42 -17.12 -24.21
CA VAL B 117 10.13 -18.48 -24.60
C VAL B 117 8.79 -18.72 -25.25
N TRP B 118 8.80 -19.17 -26.50
CA TRP B 118 7.57 -19.43 -27.24
C TRP B 118 7.24 -20.89 -27.44
N ALA B 119 5.95 -21.21 -27.39
CA ALA B 119 5.51 -22.58 -27.56
C ALA B 119 5.71 -23.04 -28.99
N ASN B 120 5.83 -24.36 -29.15
CA ASN B 120 6.02 -24.93 -30.47
C ASN B 120 4.88 -25.92 -30.72
N LYS B 121 4.69 -26.28 -32.00
CA LYS B 121 3.66 -27.23 -32.40
C LYS B 121 3.83 -28.57 -31.68
N GLU B 122 5.05 -28.83 -31.18
CA GLU B 122 5.34 -30.05 -30.45
C GLU B 122 5.65 -29.73 -28.99
N THR B 123 4.94 -28.73 -28.45
CA THR B 123 5.11 -28.31 -27.05
C THR B 123 3.80 -28.49 -26.30
N ASP B 124 3.82 -29.27 -25.22
CA ASP B 124 2.63 -29.55 -24.42
C ASP B 124 2.05 -28.29 -23.79
N LEU B 125 1.30 -27.54 -24.61
CA LEU B 125 0.68 -26.28 -24.21
C LEU B 125 0.01 -26.36 -22.85
N ASP B 126 -0.37 -27.57 -22.46
CA ASP B 126 -1.00 -27.71 -21.16
C ASP B 126 -0.05 -28.27 -20.13
N GLU B 127 1.18 -27.76 -20.12
CA GLU B 127 2.14 -28.21 -19.14
C GLU B 127 1.69 -27.74 -17.78
N ARG B 128 2.39 -28.15 -16.74
CA ARG B 128 1.97 -27.74 -15.41
C ARG B 128 3.12 -27.52 -14.44
N ARG B 129 2.89 -26.62 -13.49
CA ARG B 129 3.85 -26.33 -12.43
C ARG B 129 3.88 -27.58 -11.57
N GLU B 130 5.06 -27.92 -11.07
CA GLU B 130 5.17 -29.12 -10.28
C GLU B 130 4.30 -28.99 -9.04
N TRP B 131 4.48 -27.88 -8.33
CA TRP B 131 3.70 -27.72 -7.14
C TRP B 131 2.19 -27.42 -7.34
N ASP B 132 1.74 -26.17 -7.22
CA ASP B 132 0.30 -25.86 -7.36
C ASP B 132 -0.35 -26.42 -8.63
N GLY B 133 0.47 -26.78 -9.62
CA GLY B 133 -0.07 -27.35 -10.86
C GLY B 133 -0.91 -26.45 -11.76
N GLU B 134 -0.36 -25.31 -12.16
CA GLU B 134 -1.08 -24.39 -13.04
C GLU B 134 -0.41 -24.27 -14.41
N LYS B 135 -1.07 -23.61 -15.36
CA LYS B 135 -0.52 -23.48 -16.70
C LYS B 135 0.77 -22.67 -16.81
N ILE B 136 1.68 -23.19 -17.62
CA ILE B 136 2.99 -22.58 -17.85
C ILE B 136 2.97 -21.83 -19.17
N TRP B 137 2.08 -22.29 -20.05
CA TRP B 137 1.92 -21.71 -21.37
C TRP B 137 0.73 -20.77 -21.46
N HIS B 138 1.05 -19.49 -21.69
CA HIS B 138 0.07 -18.42 -21.78
C HIS B 138 -0.22 -18.06 -23.23
N PRO B 139 -1.50 -17.95 -23.60
CA PRO B 139 -2.01 -17.62 -24.93
C PRO B 139 -2.01 -16.15 -25.33
N LEU B 140 -1.98 -15.90 -26.63
CA LEU B 140 -2.04 -14.56 -27.20
C LEU B 140 -3.04 -14.52 -28.36
N GLU B 141 -3.92 -13.52 -28.32
CA GLU B 141 -4.97 -13.33 -29.31
C GLU B 141 -4.70 -13.97 -30.66
N ASP B 142 -3.48 -13.78 -31.15
CA ASP B 142 -3.07 -14.35 -32.43
C ASP B 142 -2.43 -15.73 -32.24
N GLY B 143 -3.20 -16.62 -31.64
CA GLY B 143 -2.76 -17.98 -31.40
C GLY B 143 -1.49 -18.24 -30.61
N ARG B 144 -0.57 -17.28 -30.60
CA ARG B 144 0.69 -17.45 -29.88
C ARG B 144 0.57 -17.87 -28.42
N PHE B 145 1.62 -18.51 -27.94
CA PHE B 145 1.71 -18.96 -26.55
C PHE B 145 3.16 -18.76 -26.10
N TYR B 146 3.36 -17.93 -25.06
CA TYR B 146 4.70 -17.70 -24.53
C TYR B 146 4.74 -18.44 -23.20
N ARG B 147 5.95 -18.59 -22.64
CA ARG B 147 6.07 -19.30 -21.39
C ARG B 147 6.48 -18.42 -20.20
N GLY B 148 5.66 -18.50 -19.15
CA GLY B 148 5.88 -17.74 -17.92
C GLY B 148 5.50 -18.60 -16.73
N LEU B 149 6.47 -19.28 -16.16
CA LEU B 149 6.24 -20.16 -15.03
C LEU B 149 5.61 -19.44 -13.84
N PHE B 150 5.72 -18.12 -13.80
CA PHE B 150 5.15 -17.37 -12.68
C PHE B 150 3.92 -16.53 -12.98
N GLY B 151 3.41 -16.67 -14.19
CA GLY B 151 2.22 -15.91 -14.56
C GLY B 151 2.38 -15.25 -15.91
N PRO B 152 1.26 -14.96 -16.61
CA PRO B 152 1.35 -14.33 -17.92
C PRO B 152 1.99 -12.96 -17.87
N PHE B 153 2.17 -12.43 -16.67
CA PHE B 153 2.77 -11.11 -16.52
C PHE B 153 4.18 -11.16 -15.97
N SER B 154 4.73 -12.38 -16.00
CA SER B 154 6.07 -12.65 -15.53
C SER B 154 6.68 -13.69 -16.49
N PRO B 155 6.74 -13.36 -17.80
CA PRO B 155 7.27 -14.20 -18.88
C PRO B 155 8.78 -14.45 -18.80
N ASP B 156 9.16 -15.69 -18.49
CA ASP B 156 10.59 -15.99 -18.35
C ASP B 156 11.48 -15.72 -19.55
N LEU B 157 12.72 -15.35 -19.25
CA LEU B 157 13.72 -15.06 -20.26
C LEU B 157 14.21 -16.39 -20.86
N ASN B 158 14.72 -16.34 -22.08
CA ASN B 158 15.24 -17.52 -22.74
C ASN B 158 16.76 -17.58 -22.62
N TYR B 159 17.23 -18.46 -21.74
CA TYR B 159 18.65 -18.59 -21.48
C TYR B 159 19.43 -19.51 -22.38
N ASP B 160 18.80 -19.99 -23.45
CA ASP B 160 19.50 -20.83 -24.41
C ASP B 160 20.14 -19.82 -25.34
N ASN B 161 19.73 -18.56 -25.15
CA ASN B 161 20.21 -17.40 -25.91
C ASN B 161 21.28 -16.66 -25.14
N PRO B 162 22.51 -16.58 -25.70
CA PRO B 162 23.63 -15.90 -25.05
C PRO B 162 23.40 -14.40 -24.77
N GLN B 163 22.58 -13.76 -25.60
CA GLN B 163 22.26 -12.35 -25.45
C GLN B 163 21.56 -12.11 -24.13
N VAL B 164 20.67 -13.03 -23.76
CA VAL B 164 19.94 -12.96 -22.49
C VAL B 164 20.97 -13.11 -21.37
N PHE B 165 21.94 -14.00 -21.60
CA PHE B 165 23.01 -14.23 -20.65
C PHE B 165 23.84 -12.94 -20.51
N ASP B 166 24.44 -12.50 -21.61
CA ASP B 166 25.24 -11.28 -21.61
C ASP B 166 24.44 -10.19 -20.95
N GLU B 167 23.22 -10.01 -21.44
CA GLU B 167 22.34 -8.99 -20.91
C GLU B 167 22.33 -8.97 -19.37
N MET B 168 22.16 -10.15 -18.77
CA MET B 168 22.12 -10.24 -17.33
C MET B 168 23.52 -10.22 -16.69
N LYS B 169 24.53 -10.66 -17.44
CA LYS B 169 25.89 -10.67 -16.93
C LYS B 169 26.32 -9.22 -16.66
N ARG B 170 26.04 -8.33 -17.61
CA ARG B 170 26.37 -6.91 -17.53
C ARG B 170 25.68 -6.33 -16.32
N LEU B 171 24.40 -6.65 -16.18
CA LEU B 171 23.59 -6.17 -15.08
C LEU B 171 24.30 -6.38 -13.74
N VAL B 172 24.52 -7.64 -13.39
CA VAL B 172 25.20 -7.99 -12.16
C VAL B 172 26.43 -7.12 -11.99
N LEU B 173 27.25 -7.07 -13.03
CA LEU B 173 28.48 -6.27 -13.02
C LEU B 173 28.12 -4.84 -12.67
N HIS B 174 27.16 -4.30 -13.41
CA HIS B 174 26.69 -2.94 -13.20
C HIS B 174 26.40 -2.69 -11.72
N LEU B 175 25.48 -3.48 -11.17
CA LEU B 175 25.09 -3.36 -9.78
C LEU B 175 26.24 -3.63 -8.84
N LEU B 176 27.23 -4.41 -9.28
CA LEU B 176 28.37 -4.70 -8.43
C LEU B 176 29.32 -3.51 -8.31
N ASP B 177 29.63 -2.89 -9.43
CA ASP B 177 30.51 -1.74 -9.39
C ASP B 177 29.77 -0.70 -8.57
N MET B 178 28.44 -0.75 -8.64
CA MET B 178 27.61 0.20 -7.92
C MET B 178 27.84 0.08 -6.42
N GLY B 179 28.60 -0.92 -6.02
CA GLY B 179 28.89 -1.11 -4.60
C GLY B 179 28.13 -2.25 -3.96
N VAL B 180 27.15 -2.85 -4.66
CA VAL B 180 26.38 -3.95 -4.08
C VAL B 180 27.30 -5.12 -3.77
N ASP B 181 27.06 -5.79 -2.64
CA ASP B 181 27.93 -6.88 -2.23
C ASP B 181 27.51 -8.25 -2.70
N GLY B 182 26.26 -8.39 -3.10
CA GLY B 182 25.84 -9.71 -3.54
C GLY B 182 24.42 -9.77 -4.00
N PHE B 183 24.01 -10.94 -4.48
CA PHE B 183 22.67 -11.13 -4.98
C PHE B 183 21.98 -12.35 -4.40
N ARG B 184 20.67 -12.22 -4.24
CA ARG B 184 19.84 -13.33 -3.79
C ARG B 184 19.10 -13.59 -5.10
N PHE B 185 19.41 -14.72 -5.72
CA PHE B 185 18.79 -15.07 -6.98
C PHE B 185 17.43 -15.70 -6.82
N ASP B 186 16.44 -14.95 -7.29
CA ASP B 186 15.04 -15.31 -7.23
C ASP B 186 14.78 -16.39 -8.28
N ALA B 187 14.04 -17.43 -7.89
CA ALA B 187 13.74 -18.56 -8.79
C ALA B 187 15.02 -19.05 -9.49
N ALA B 188 16.10 -19.13 -8.71
CA ALA B 188 17.40 -19.55 -9.22
C ALA B 188 17.37 -21.03 -9.57
N LYS B 189 16.24 -21.66 -9.25
CA LYS B 189 16.03 -23.08 -9.50
C LYS B 189 15.58 -23.42 -10.93
N HIS B 190 14.96 -22.46 -11.60
CA HIS B 190 14.44 -22.67 -12.94
C HIS B 190 15.14 -21.87 -14.03
N MET B 191 16.45 -21.70 -13.93
CA MET B 191 17.16 -20.94 -14.96
C MET B 191 17.28 -21.72 -16.26
N ARG B 192 17.27 -23.05 -16.17
CA ARG B 192 17.33 -23.93 -17.35
C ARG B 192 16.36 -25.11 -17.24
N ASP B 193 16.06 -25.74 -18.38
CA ASP B 193 15.12 -26.86 -18.46
C ASP B 193 15.60 -28.19 -17.82
N THR B 194 16.90 -28.45 -17.83
CA THR B 194 17.48 -29.67 -17.24
C THR B 194 18.24 -29.31 -15.97
N ILE B 195 18.14 -30.14 -14.94
CA ILE B 195 18.84 -29.87 -13.69
C ILE B 195 20.34 -29.78 -13.93
N GLU B 196 20.79 -30.31 -15.07
CA GLU B 196 22.21 -30.26 -15.44
C GLU B 196 22.45 -28.91 -16.10
N GLN B 197 21.54 -28.55 -17.00
CA GLN B 197 21.63 -27.29 -17.72
C GLN B 197 21.66 -26.11 -16.76
N ASN B 198 20.92 -26.23 -15.66
CA ASN B 198 20.83 -25.15 -14.66
C ASN B 198 22.17 -24.94 -13.95
N VAL B 199 22.78 -26.04 -13.53
CA VAL B 199 24.07 -25.98 -12.85
C VAL B 199 25.10 -25.43 -13.81
N ARG B 200 25.17 -26.02 -15.00
CA ARG B 200 26.12 -25.55 -16.02
C ARG B 200 26.01 -24.03 -16.08
N PHE B 201 24.79 -23.55 -16.32
CA PHE B 201 24.48 -22.13 -16.43
C PHE B 201 25.07 -21.31 -15.28
N TRP B 202 24.57 -21.61 -14.09
CA TRP B 202 25.01 -20.93 -12.89
C TRP B 202 26.52 -20.99 -12.74
N LYS B 203 27.10 -22.15 -13.04
CA LYS B 203 28.54 -22.34 -12.97
C LYS B 203 29.22 -21.32 -13.89
N TYR B 204 28.74 -21.24 -15.13
CA TYR B 204 29.27 -20.35 -16.14
C TYR B 204 28.92 -18.91 -15.91
N PHE B 205 27.71 -18.69 -15.41
CA PHE B 205 27.27 -17.32 -15.14
C PHE B 205 28.19 -16.65 -14.11
N LEU B 206 28.36 -17.30 -12.96
CA LEU B 206 29.16 -16.78 -11.86
C LEU B 206 30.65 -17.10 -11.91
N SER B 207 31.09 -17.79 -12.97
CA SER B 207 32.48 -18.20 -13.10
C SER B 207 33.62 -17.19 -12.81
N ASP B 208 33.41 -15.91 -13.10
CA ASP B 208 34.45 -14.90 -12.86
C ASP B 208 34.01 -13.72 -12.00
N LEU B 209 33.03 -13.96 -11.14
CA LEU B 209 32.47 -12.93 -10.27
C LEU B 209 32.80 -13.14 -8.80
N LYS B 210 32.63 -12.08 -8.00
CA LYS B 210 32.91 -12.17 -6.57
C LYS B 210 31.82 -11.48 -5.75
N GLY B 211 31.47 -12.09 -4.61
CA GLY B 211 30.45 -11.53 -3.74
C GLY B 211 29.55 -12.59 -3.13
N ILE B 212 28.60 -12.16 -2.30
CA ILE B 212 27.66 -13.10 -1.66
C ILE B 212 26.58 -13.54 -2.66
N PHE B 213 26.74 -14.73 -3.22
CA PHE B 213 25.76 -15.22 -4.19
C PHE B 213 24.84 -16.26 -3.56
N LEU B 214 23.75 -15.75 -2.99
CA LEU B 214 22.72 -16.52 -2.31
C LEU B 214 21.65 -16.99 -3.28
N ALA B 215 21.63 -18.29 -3.58
CA ALA B 215 20.64 -18.85 -4.50
C ALA B 215 19.36 -19.28 -3.83
N GLU B 216 18.26 -19.16 -4.57
CA GLU B 216 16.98 -19.57 -4.06
C GLU B 216 16.51 -20.76 -4.87
N ILE B 217 16.62 -21.94 -4.28
CA ILE B 217 16.17 -23.14 -4.96
C ILE B 217 15.34 -23.87 -3.95
N TRP B 218 14.04 -23.94 -4.23
CA TRP B 218 13.10 -24.58 -3.33
C TRP B 218 12.96 -26.06 -3.70
N ALA B 219 13.91 -26.89 -3.29
CA ALA B 219 13.87 -28.34 -3.57
C ALA B 219 14.57 -29.18 -2.51
N GLU B 220 14.42 -30.50 -2.62
CA GLU B 220 15.04 -31.41 -1.67
C GLU B 220 16.51 -31.03 -1.59
N ALA B 221 17.11 -31.25 -0.42
CA ALA B 221 18.52 -30.93 -0.16
C ALA B 221 19.49 -31.43 -1.22
N ARG B 222 19.18 -32.60 -1.79
CA ARG B 222 20.00 -33.22 -2.83
C ARG B 222 20.29 -32.31 -4.05
N MET B 223 19.29 -31.51 -4.39
CA MET B 223 19.36 -30.58 -5.53
C MET B 223 20.10 -29.33 -5.14
N VAL B 224 19.87 -28.89 -3.91
CA VAL B 224 20.52 -27.72 -3.37
C VAL B 224 22.01 -28.02 -3.30
N ASP B 225 22.34 -29.28 -3.05
CA ASP B 225 23.73 -29.71 -2.94
C ASP B 225 24.52 -29.59 -4.26
N GLU B 226 23.90 -30.01 -5.35
CA GLU B 226 24.55 -29.93 -6.66
C GLU B 226 24.95 -28.51 -7.07
N HIS B 227 24.12 -27.54 -6.72
CA HIS B 227 24.39 -26.15 -7.06
C HIS B 227 25.23 -25.49 -5.96
N GLY B 228 25.15 -26.06 -4.77
CA GLY B 228 25.86 -25.53 -3.63
C GLY B 228 27.22 -24.89 -3.82
N ARG B 229 28.20 -25.70 -4.25
CA ARG B 229 29.57 -25.23 -4.46
C ARG B 229 29.69 -23.95 -5.32
N ILE B 230 28.82 -23.82 -6.32
CA ILE B 230 28.84 -22.69 -7.24
C ILE B 230 28.45 -21.32 -6.68
N PHE B 231 27.42 -21.26 -5.84
CA PHE B 231 27.00 -19.98 -5.26
C PHE B 231 27.78 -19.69 -3.98
N GLY B 232 27.93 -20.74 -3.18
CA GLY B 232 28.65 -20.63 -1.92
C GLY B 232 27.67 -20.45 -0.78
N TYR B 233 26.52 -19.88 -1.10
CA TYR B 233 25.47 -19.62 -0.13
C TYR B 233 24.19 -20.18 -0.71
N MET B 234 23.52 -21.02 0.05
CA MET B 234 22.28 -21.60 -0.43
C MET B 234 21.22 -21.42 0.62
N LEU B 235 20.05 -20.96 0.20
CA LEU B 235 18.96 -20.79 1.15
C LEU B 235 18.49 -22.20 1.45
N ASN B 236 18.46 -22.49 2.74
CA ASN B 236 18.10 -23.80 3.26
C ASN B 236 16.64 -23.89 3.71
N PHE B 237 15.76 -24.32 2.81
CA PHE B 237 14.34 -24.46 3.12
C PHE B 237 14.07 -25.71 3.93
N ASP B 238 14.88 -26.74 3.65
CA ASP B 238 14.77 -28.03 4.32
C ASP B 238 14.82 -27.89 5.81
N THR B 239 15.97 -27.46 6.32
CA THR B 239 16.16 -27.30 7.75
C THR B 239 15.38 -26.13 8.32
N SER B 240 15.16 -25.09 7.50
CA SER B 240 14.41 -23.92 7.93
C SER B 240 12.99 -24.27 8.33
N HIS B 241 12.39 -25.18 7.58
CA HIS B 241 11.03 -25.61 7.88
C HIS B 241 11.03 -26.60 9.04
N CYS B 242 12.04 -27.47 9.09
CA CYS B 242 12.12 -28.47 10.16
C CYS B 242 12.32 -27.86 11.54
N ILE B 243 13.16 -26.83 11.65
CA ILE B 243 13.36 -26.20 12.95
C ILE B 243 11.99 -25.72 13.46
N LYS B 244 11.10 -25.38 12.53
CA LYS B 244 9.76 -24.88 12.87
C LYS B 244 8.76 -25.99 13.20
N GLU B 245 8.77 -27.06 12.39
CA GLU B 245 7.86 -28.18 12.58
C GLU B 245 8.25 -29.04 13.78
N ALA B 246 9.54 -29.22 13.97
CA ALA B 246 10.03 -30.00 15.10
C ALA B 246 9.63 -29.34 16.41
N VAL B 247 9.58 -28.00 16.41
CA VAL B 247 9.20 -27.19 17.58
C VAL B 247 7.70 -27.34 17.86
N TRP B 248 6.93 -27.27 16.77
CA TRP B 248 5.48 -27.38 16.76
C TRP B 248 5.02 -28.78 17.22
N LYS B 249 5.84 -29.79 16.97
CA LYS B 249 5.50 -31.15 17.35
C LYS B 249 6.25 -31.66 18.58
N GLU B 250 7.14 -30.83 19.14
CA GLU B 250 7.94 -31.22 20.31
C GLU B 250 8.50 -32.60 20.02
N ASN B 251 8.96 -32.79 18.79
CA ASN B 251 9.47 -34.06 18.32
C ASN B 251 10.73 -33.92 17.46
N THR B 252 11.87 -33.80 18.13
CA THR B 252 13.19 -33.63 17.50
C THR B 252 13.49 -34.55 16.29
N ARG B 253 12.66 -35.55 16.02
CA ARG B 253 12.89 -36.47 14.92
C ARG B 253 13.24 -35.81 13.59
N VAL B 254 12.26 -35.11 13.03
CA VAL B 254 12.41 -34.42 11.76
C VAL B 254 13.58 -33.44 11.72
N LEU B 255 13.82 -32.76 12.83
CA LEU B 255 14.92 -31.81 12.92
C LEU B 255 16.26 -32.51 12.73
N ILE B 256 16.45 -33.64 13.40
CA ILE B 256 17.70 -34.40 13.32
C ILE B 256 17.99 -34.95 11.93
N GLU B 257 16.98 -35.58 11.33
CA GLU B 257 17.14 -36.12 9.99
C GLU B 257 17.46 -34.98 9.03
N SER B 258 16.94 -33.80 9.35
CA SER B 258 17.12 -32.58 8.57
C SER B 258 18.52 -31.95 8.73
N ILE B 259 18.95 -31.78 9.99
CA ILE B 259 20.25 -31.21 10.29
C ILE B 259 21.29 -32.13 9.66
N GLU B 260 21.02 -33.43 9.74
CA GLU B 260 21.90 -34.43 9.17
C GLU B 260 21.88 -34.30 7.64
N ARG B 261 20.66 -34.17 7.13
CA ARG B 261 20.36 -34.06 5.71
C ARG B 261 20.92 -32.86 4.96
N ALA B 262 20.80 -31.66 5.54
CA ALA B 262 21.22 -30.47 4.83
C ALA B 262 22.23 -29.54 5.46
N VAL B 263 22.71 -29.86 6.66
CA VAL B 263 23.66 -28.94 7.29
C VAL B 263 25.05 -29.54 7.46
N ILE B 264 25.09 -30.82 7.83
CA ILE B 264 26.34 -31.53 8.05
C ILE B 264 27.13 -31.74 6.76
N ALA B 265 28.42 -31.41 6.82
CA ALA B 265 29.33 -31.57 5.70
C ALA B 265 28.78 -31.09 4.37
N LYS B 266 28.99 -29.81 4.09
CA LYS B 266 28.53 -29.18 2.84
C LYS B 266 29.67 -28.30 2.34
N ASP B 267 29.81 -28.21 1.01
CA ASP B 267 30.87 -27.38 0.44
C ASP B 267 30.37 -25.98 0.09
N TYR B 268 29.56 -25.42 0.97
CA TYR B 268 28.98 -24.10 0.80
C TYR B 268 28.14 -23.85 2.05
N LEU B 269 27.78 -22.59 2.33
CA LEU B 269 27.01 -22.26 3.53
C LEU B 269 25.49 -22.31 3.44
N PRO B 270 24.85 -23.22 4.18
CA PRO B 270 23.39 -23.34 4.16
C PRO B 270 22.83 -22.15 4.94
N VAL B 271 21.95 -21.39 4.31
CA VAL B 271 21.38 -20.22 4.97
C VAL B 271 20.03 -20.60 5.60
N ASN B 272 20.01 -20.56 6.93
CA ASN B 272 18.82 -20.92 7.70
C ASN B 272 18.07 -19.68 8.13
N PHE B 273 16.84 -19.57 7.65
CA PHE B 273 15.98 -18.43 7.93
C PHE B 273 14.79 -18.71 8.87
N THR B 274 14.35 -17.65 9.56
CA THR B 274 13.21 -17.76 10.46
C THR B 274 11.99 -18.04 9.57
N SER B 275 11.90 -17.30 8.46
CA SER B 275 10.80 -17.46 7.49
C SER B 275 11.03 -16.56 6.30
N ASN B 276 9.97 -16.36 5.53
CA ASN B 276 10.04 -15.49 4.36
C ASN B 276 8.64 -15.05 3.94
N HIS B 277 8.60 -14.26 2.87
CA HIS B 277 7.38 -13.70 2.33
C HIS B 277 6.52 -14.68 1.50
N ASP B 278 7.01 -15.87 1.27
CA ASP B 278 6.30 -16.89 0.49
C ASP B 278 5.58 -17.91 1.33
N MET B 279 5.49 -17.63 2.62
CA MET B 279 4.84 -18.52 3.58
C MET B 279 4.52 -17.65 4.79
N SER B 280 3.76 -18.21 5.74
CA SER B 280 3.38 -17.50 6.96
C SER B 280 4.66 -17.12 7.72
N ARG B 281 4.54 -16.26 8.72
CA ARG B 281 5.72 -15.86 9.47
C ARG B 281 5.98 -16.85 10.58
N LEU B 282 7.16 -16.76 11.19
CA LEU B 282 7.51 -17.66 12.27
C LEU B 282 6.36 -17.72 13.28
N ALA B 283 6.05 -16.55 13.85
CA ALA B 283 4.99 -16.40 14.85
C ALA B 283 3.61 -16.96 14.49
N SER B 284 3.39 -17.23 13.22
CA SER B 284 2.11 -17.75 12.75
C SER B 284 2.29 -19.09 12.06
N PHE B 285 3.38 -19.78 12.39
CA PHE B 285 3.65 -21.08 11.78
C PHE B 285 2.60 -22.10 12.20
N GLU B 286 1.91 -22.71 11.24
CA GLU B 286 0.89 -23.73 11.54
C GLU B 286 0.04 -23.28 12.71
N GLY B 287 -0.89 -22.37 12.44
CA GLY B 287 -1.73 -21.86 13.51
C GLY B 287 -0.92 -21.01 14.47
N GLY B 288 0.32 -20.70 14.07
CA GLY B 288 1.22 -19.91 14.88
C GLY B 288 1.50 -20.57 16.22
N PHE B 289 2.52 -20.08 16.93
CA PHE B 289 2.80 -20.63 18.24
C PHE B 289 3.38 -19.70 19.30
N SER B 290 3.12 -20.12 20.55
CA SER B 290 3.52 -19.47 21.80
C SER B 290 4.83 -18.71 21.82
N LYS B 291 4.87 -17.62 22.58
CA LYS B 291 6.08 -16.80 22.69
C LYS B 291 7.26 -17.68 23.09
N GLU B 292 6.96 -18.86 23.63
CA GLU B 292 7.95 -19.84 24.08
C GLU B 292 8.61 -20.57 22.92
N LYS B 293 7.77 -21.18 22.10
CA LYS B 293 8.19 -21.96 20.94
C LYS B 293 8.83 -21.11 19.86
N ILE B 294 8.55 -19.81 19.90
CA ILE B 294 9.10 -18.87 18.93
C ILE B 294 10.58 -18.67 19.29
N LYS B 295 10.84 -18.43 20.58
CA LYS B 295 12.20 -18.27 21.05
C LYS B 295 12.97 -19.54 20.79
N LEU B 296 12.32 -20.69 21.01
CA LEU B 296 12.96 -21.99 20.78
C LEU B 296 13.37 -22.18 19.33
N SER B 297 12.53 -21.69 18.40
CA SER B 297 12.83 -21.80 16.99
C SER B 297 14.08 -20.96 16.69
N ILE B 298 14.12 -19.76 17.26
CA ILE B 298 15.25 -18.82 17.10
C ILE B 298 16.51 -19.39 17.76
N SER B 299 16.34 -19.93 18.98
CA SER B 299 17.43 -20.53 19.75
C SER B 299 18.13 -21.54 18.88
N ILE B 300 17.34 -22.46 18.34
CA ILE B 300 17.81 -23.52 17.45
C ILE B 300 18.50 -22.98 16.21
N LEU B 301 17.91 -21.94 15.62
CA LEU B 301 18.47 -21.34 14.41
C LEU B 301 19.87 -20.79 14.67
N PHE B 302 20.01 -20.03 15.75
CA PHE B 302 21.31 -19.44 16.07
C PHE B 302 22.32 -20.36 16.73
N THR B 303 22.01 -21.66 16.77
CA THR B 303 22.89 -22.65 17.36
C THR B 303 23.08 -23.83 16.38
N LEU B 304 23.14 -23.50 15.10
CA LEU B 304 23.35 -24.48 14.05
C LEU B 304 24.33 -23.91 13.02
N PRO B 305 25.18 -24.78 12.43
CA PRO B 305 26.14 -24.31 11.43
C PRO B 305 25.39 -23.74 10.23
N GLY B 306 26.04 -22.86 9.49
CA GLY B 306 25.42 -22.22 8.35
C GLY B 306 25.21 -20.75 8.67
N VAL B 307 24.28 -20.12 7.96
CA VAL B 307 24.02 -18.70 8.16
C VAL B 307 22.56 -18.40 8.56
N PRO B 308 22.35 -17.98 9.81
CA PRO B 308 21.03 -17.63 10.37
C PRO B 308 20.50 -16.36 9.75
N LEU B 309 19.32 -16.44 9.15
CA LEU B 309 18.72 -15.27 8.52
C LEU B 309 17.37 -14.92 9.17
N VAL B 310 17.15 -13.63 9.41
CA VAL B 310 15.88 -13.20 10.00
C VAL B 310 15.12 -12.36 9.00
N PHE B 311 13.90 -12.80 8.69
CA PHE B 311 13.00 -12.08 7.81
C PHE B 311 12.55 -10.90 8.69
N TYR B 312 12.79 -9.67 8.24
CA TYR B 312 12.46 -8.46 9.04
C TYR B 312 11.20 -8.58 9.89
N GLY B 313 11.33 -8.26 11.18
CA GLY B 313 10.19 -8.33 12.05
C GLY B 313 10.05 -9.63 12.84
N ASP B 314 10.64 -10.72 12.36
CA ASP B 314 10.58 -12.01 13.06
C ASP B 314 11.24 -11.99 14.43
N GLU B 315 12.14 -11.03 14.63
CA GLU B 315 12.81 -10.87 15.92
C GLU B 315 11.82 -10.20 16.86
N LEU B 316 10.72 -9.69 16.32
CA LEU B 316 9.68 -9.00 17.10
C LEU B 316 8.44 -9.86 17.42
N GLY B 317 8.21 -10.90 16.62
CA GLY B 317 7.06 -11.75 16.83
C GLY B 317 5.93 -11.48 15.84
N MET B 318 6.20 -10.62 14.88
CA MET B 318 5.22 -10.26 13.85
C MET B 318 4.49 -11.47 13.27
N LYS B 319 3.18 -11.47 13.46
CA LYS B 319 2.30 -12.50 12.96
C LYS B 319 2.12 -12.25 11.47
N GLY B 320 1.52 -13.19 10.79
CA GLY B 320 1.31 -13.02 9.37
C GLY B 320 0.96 -14.35 8.77
N VAL B 321 -0.31 -14.58 8.47
CA VAL B 321 -0.72 -15.83 7.88
C VAL B 321 -0.66 -15.62 6.38
N TYR B 322 0.19 -16.40 5.71
CA TYR B 322 0.35 -16.30 4.28
C TYR B 322 -0.94 -16.66 3.57
N GLN B 323 -1.08 -16.17 2.33
CA GLN B 323 -2.26 -16.46 1.50
C GLN B 323 -2.13 -15.68 0.21
N LYS B 324 -3.01 -15.98 -0.75
CA LYS B 324 -3.02 -15.30 -2.04
C LYS B 324 -4.41 -14.82 -2.38
N PRO B 325 -4.52 -13.88 -3.34
CA PRO B 325 -3.44 -13.26 -4.12
C PRO B 325 -2.83 -12.09 -3.36
N ASN B 326 -3.52 -11.71 -2.28
CA ASN B 326 -3.09 -10.61 -1.44
C ASN B 326 -1.93 -11.05 -0.56
N THR B 327 -0.81 -11.37 -1.21
CA THR B 327 0.38 -11.83 -0.50
C THR B 327 1.06 -10.75 0.36
N GLU B 328 0.43 -9.60 0.51
CA GLU B 328 1.03 -8.54 1.29
C GLU B 328 0.57 -8.60 2.74
N VAL B 329 -0.04 -9.71 3.14
CA VAL B 329 -0.51 -9.85 4.52
C VAL B 329 0.65 -10.23 5.45
N VAL B 330 1.74 -10.70 4.85
CA VAL B 330 2.91 -11.08 5.61
C VAL B 330 3.94 -9.94 5.52
N LEU B 331 3.60 -8.89 4.79
CA LEU B 331 4.48 -7.75 4.61
C LEU B 331 4.06 -6.55 5.44
N ASP B 332 3.47 -6.82 6.59
CA ASP B 332 3.03 -5.75 7.47
C ASP B 332 4.14 -4.78 7.78
N PRO B 333 3.78 -3.51 8.03
CA PRO B 333 4.77 -2.48 8.34
C PRO B 333 5.53 -2.81 9.64
N PHE B 334 6.85 -2.76 9.57
CA PHE B 334 7.69 -3.04 10.74
C PHE B 334 7.36 -1.93 11.74
N PRO B 335 6.83 -2.32 12.92
CA PRO B 335 6.42 -1.49 14.07
C PRO B 335 7.53 -0.98 14.97
N TRP B 336 7.94 0.26 14.78
CA TRP B 336 9.02 0.82 15.60
C TRP B 336 8.56 1.11 17.01
N ASN B 337 7.33 1.60 17.15
CA ASN B 337 6.77 1.85 18.49
C ASN B 337 5.29 1.39 18.46
N GLU B 338 4.67 1.30 19.63
CA GLU B 338 3.29 0.84 19.73
C GLU B 338 2.23 1.62 18.97
N SER B 339 2.29 2.95 19.02
CA SER B 339 1.32 3.77 18.32
C SER B 339 1.59 3.81 16.81
N MET B 340 2.77 3.32 16.42
CA MET B 340 3.19 3.28 15.03
C MET B 340 3.01 4.68 14.47
N CYS B 341 3.72 5.60 15.11
CA CYS B 341 3.67 7.00 14.77
C CYS B 341 4.91 7.70 15.32
N VAL B 342 6.02 7.54 14.60
CA VAL B 342 7.29 8.14 14.99
C VAL B 342 8.13 8.23 13.74
N GLU B 343 8.73 9.39 13.53
CA GLU B 343 9.59 9.63 12.37
C GLU B 343 10.35 8.36 11.96
N GLY B 344 10.13 7.91 10.73
CA GLY B 344 10.80 6.71 10.24
C GLY B 344 9.88 5.52 10.10
N GLN B 345 8.75 5.53 10.78
CA GLN B 345 7.76 4.43 10.72
C GLN B 345 6.98 4.42 9.40
N THR B 346 6.55 3.25 8.91
CA THR B 346 5.77 3.16 7.66
C THR B 346 4.34 2.80 8.03
N PHE B 347 3.41 3.13 7.15
CA PHE B 347 1.99 2.88 7.37
C PHE B 347 1.31 3.05 6.02
N TRP B 348 1.94 2.52 4.97
CA TRP B 348 1.35 2.61 3.64
C TRP B 348 0.00 1.89 3.48
N LYS B 349 -0.43 1.14 4.49
CA LYS B 349 -1.70 0.39 4.44
C LYS B 349 -1.96 -0.02 5.88
N TRP B 350 -3.21 -0.33 6.23
CA TRP B 350 -3.48 -0.71 7.61
C TRP B 350 -3.00 -2.16 7.79
N PRO B 351 -2.17 -2.38 8.83
CA PRO B 351 -1.61 -3.69 9.14
C PRO B 351 -2.64 -4.79 9.00
N ALA B 352 -2.20 -5.97 8.55
CA ALA B 352 -3.07 -7.11 8.37
C ALA B 352 -3.11 -8.03 9.60
N TYR B 353 -1.96 -8.21 10.25
CA TYR B 353 -1.89 -9.06 11.43
C TYR B 353 -1.11 -8.43 12.57
N ASN B 354 -0.70 -7.17 12.40
CA ASN B 354 0.09 -6.51 13.44
C ASN B 354 -0.27 -5.06 13.63
N GLY B 355 -1.52 -4.81 13.99
CA GLY B 355 -1.98 -3.45 14.19
C GLY B 355 -1.25 -2.76 15.33
N PRO B 356 -1.61 -1.50 15.60
CA PRO B 356 -1.00 -0.70 16.68
C PRO B 356 -1.36 -1.16 18.11
N PHE B 357 -0.49 -0.78 19.06
CA PHE B 357 -0.65 -1.14 20.46
C PHE B 357 -0.88 -2.64 20.60
N SER B 358 -0.01 -3.43 19.97
CA SER B 358 -0.12 -4.88 20.01
C SER B 358 0.98 -5.50 20.87
N GLY B 359 1.81 -4.63 21.43
CA GLY B 359 2.89 -5.08 22.30
C GLY B 359 4.04 -5.76 21.59
N ILE B 360 4.20 -5.52 20.28
CA ILE B 360 5.29 -6.14 19.55
C ILE B 360 6.27 -5.14 18.93
N SER B 361 6.06 -3.85 19.17
CA SER B 361 6.96 -2.85 18.62
C SER B 361 8.39 -2.97 19.14
N VAL B 362 9.32 -2.30 18.46
CA VAL B 362 10.72 -2.31 18.84
C VAL B 362 10.91 -1.52 20.13
N GLU B 363 10.33 -0.32 20.21
CA GLU B 363 10.48 0.53 21.39
C GLU B 363 9.87 -0.10 22.64
N TYR B 364 8.92 -1.00 22.44
CA TYR B 364 8.26 -1.66 23.56
C TYR B 364 9.08 -2.84 24.08
N GLN B 365 9.70 -3.60 23.19
CA GLN B 365 10.49 -4.75 23.59
C GLN B 365 11.91 -4.41 24.05
N LYS B 366 12.39 -3.23 23.70
CA LYS B 366 13.73 -2.82 24.12
C LYS B 366 13.72 -2.58 25.64
N ARG B 367 12.53 -2.45 26.20
CA ARG B 367 12.39 -2.23 27.64
C ARG B 367 11.81 -3.45 28.37
N ASP B 368 12.19 -4.64 27.90
CA ASP B 368 11.73 -5.88 28.53
C ASP B 368 12.72 -6.97 28.11
N PRO B 369 13.37 -7.62 29.10
CA PRO B 369 14.35 -8.68 28.85
C PRO B 369 13.75 -10.01 28.38
N ASP B 370 12.46 -10.17 28.63
CA ASP B 370 11.79 -11.39 28.24
C ASP B 370 11.21 -11.34 26.82
N SER B 371 11.17 -10.15 26.22
CA SER B 371 10.62 -10.00 24.87
C SER B 371 11.43 -10.73 23.79
N ILE B 372 10.72 -11.20 22.76
CA ILE B 372 11.33 -11.93 21.65
C ILE B 372 12.54 -11.18 21.08
N LEU B 373 12.53 -9.86 21.22
CA LEU B 373 13.62 -9.07 20.71
C LEU B 373 14.86 -9.23 21.57
N SER B 374 14.68 -9.10 22.88
CA SER B 374 15.80 -9.26 23.80
C SER B 374 16.43 -10.63 23.63
N HIS B 375 15.56 -11.63 23.43
CA HIS B 375 15.99 -13.01 23.24
C HIS B 375 16.79 -13.21 21.94
N THR B 376 16.35 -12.56 20.85
CA THR B 376 17.03 -12.66 19.56
C THR B 376 18.37 -11.96 19.66
N LEU B 377 18.36 -10.82 20.34
CA LEU B 377 19.56 -10.03 20.54
C LEU B 377 20.66 -10.87 21.17
N GLY B 378 20.33 -11.55 22.26
CA GLY B 378 21.32 -12.39 22.92
C GLY B 378 21.86 -13.43 21.96
N TRP B 379 20.99 -14.01 21.15
CA TRP B 379 21.38 -15.02 20.19
C TRP B 379 22.25 -14.50 19.06
N THR B 380 21.93 -13.32 18.55
CA THR B 380 22.73 -12.75 17.47
C THR B 380 24.06 -12.28 18.08
N ARG B 381 23.98 -11.66 19.26
CA ARG B 381 25.17 -11.18 19.95
C ARG B 381 26.13 -12.35 20.22
N PHE B 382 25.57 -13.46 20.69
CA PHE B 382 26.35 -14.66 20.99
C PHE B 382 27.05 -15.18 19.75
N ARG B 383 26.25 -15.50 18.74
CA ARG B 383 26.73 -16.01 17.47
C ARG B 383 27.68 -15.02 16.80
N LYS B 384 27.74 -13.82 17.35
CA LYS B 384 28.60 -12.76 16.83
C LYS B 384 30.03 -12.94 17.33
N GLU B 385 30.15 -13.57 18.48
CA GLU B 385 31.44 -13.80 19.09
C GLU B 385 31.86 -15.24 18.81
N ASN B 386 31.12 -15.88 17.92
CA ASN B 386 31.39 -17.26 17.57
C ASN B 386 31.23 -17.46 16.08
N GLN B 387 32.06 -16.74 15.34
CA GLN B 387 32.04 -16.81 13.89
C GLN B 387 32.30 -18.23 13.38
N TRP B 388 33.05 -19.00 14.15
CA TRP B 388 33.41 -20.39 13.81
C TRP B 388 32.23 -21.36 13.60
N ILE B 389 31.08 -21.04 14.17
CA ILE B 389 29.89 -21.87 14.09
C ILE B 389 29.27 -22.05 12.71
N ASP B 390 29.53 -21.11 11.81
CA ASP B 390 28.96 -21.21 10.47
C ASP B 390 29.62 -22.36 9.74
N ARG B 391 30.93 -22.44 9.86
CA ARG B 391 31.69 -23.51 9.22
C ARG B 391 31.88 -24.67 10.20
N ALA B 392 31.26 -24.53 11.38
CA ALA B 392 31.36 -25.53 12.45
C ALA B 392 30.87 -26.92 12.09
N LYS B 393 31.34 -27.91 12.85
CA LYS B 393 30.99 -29.33 12.68
C LYS B 393 30.05 -29.76 13.78
N LEU B 394 29.12 -30.65 13.44
CA LEU B 394 28.13 -31.11 14.39
C LEU B 394 28.07 -32.63 14.52
N GLU B 395 27.84 -33.07 15.76
CA GLU B 395 27.67 -34.49 16.10
C GLU B 395 26.74 -34.50 17.32
N PHE B 396 25.76 -35.40 17.29
CA PHE B 396 24.76 -35.48 18.36
C PHE B 396 25.10 -36.26 19.61
N LEU B 397 25.31 -35.54 20.71
CA LEU B 397 25.64 -36.18 21.99
C LEU B 397 24.42 -36.86 22.60
N CYS B 398 23.24 -36.29 22.39
CA CYS B 398 22.00 -36.86 22.90
C CYS B 398 20.81 -36.65 21.96
N LYS B 399 20.10 -37.73 21.69
CA LYS B 399 18.93 -37.71 20.85
C LYS B 399 17.74 -38.32 21.57
N GLU B 400 16.79 -37.47 21.95
CA GLU B 400 15.59 -37.92 22.64
C GLU B 400 14.38 -37.23 22.02
N ASP B 401 13.31 -37.98 21.85
CA ASP B 401 12.10 -37.45 21.23
C ASP B 401 11.80 -36.00 21.54
N LYS B 402 11.89 -35.62 22.80
CA LYS B 402 11.53 -34.25 23.15
C LYS B 402 12.64 -33.23 23.45
N PHE B 403 13.89 -33.67 23.47
CA PHE B 403 14.99 -32.74 23.69
C PHE B 403 16.26 -33.19 22.96
N LEU B 404 16.94 -32.22 22.36
CA LEU B 404 18.14 -32.50 21.60
C LEU B 404 19.40 -31.93 22.25
N VAL B 405 20.49 -32.65 22.09
CA VAL B 405 21.79 -32.24 22.62
C VAL B 405 22.85 -32.59 21.57
N TYR B 406 23.70 -31.62 21.25
CA TYR B 406 24.75 -31.87 20.27
C TYR B 406 26.02 -31.06 20.51
N ARG B 407 27.02 -31.34 19.70
CA ARG B 407 28.30 -30.68 19.83
C ARG B 407 28.80 -29.93 18.59
N LEU B 408 29.08 -28.65 18.79
CA LEU B 408 29.60 -27.77 17.74
C LEU B 408 31.10 -27.70 18.00
N TYR B 409 31.90 -28.01 16.99
CA TYR B 409 33.33 -27.96 17.18
C TYR B 409 34.03 -27.71 15.87
N ASP B 410 35.27 -27.25 15.96
CA ASP B 410 36.14 -27.03 14.82
C ASP B 410 37.47 -27.42 15.46
N ASP B 411 38.59 -26.91 14.96
CA ASP B 411 39.85 -27.31 15.57
C ASP B 411 40.09 -26.69 16.95
N GLN B 412 39.99 -25.38 17.03
CA GLN B 412 40.24 -24.71 18.29
C GLN B 412 38.99 -24.41 19.07
N HIS B 413 37.84 -24.86 18.57
CA HIS B 413 36.57 -24.59 19.23
C HIS B 413 35.67 -25.79 19.47
N SER B 414 34.90 -25.73 20.54
CA SER B 414 33.96 -26.81 20.87
C SER B 414 32.89 -26.27 21.82
N LEU B 415 31.63 -26.58 21.52
CA LEU B 415 30.47 -26.12 22.30
C LEU B 415 29.36 -27.18 22.38
N LYS B 416 28.72 -27.29 23.54
CA LYS B 416 27.63 -28.25 23.74
C LYS B 416 26.31 -27.50 23.72
N VAL B 417 25.32 -27.97 22.96
CA VAL B 417 24.03 -27.29 22.96
C VAL B 417 22.89 -28.25 23.35
N PHE B 418 22.01 -27.72 24.20
CA PHE B 418 20.88 -28.45 24.75
C PHE B 418 19.55 -27.77 24.41
N HIS B 419 18.72 -28.45 23.63
CA HIS B 419 17.41 -27.93 23.23
C HIS B 419 16.24 -28.74 23.80
N ASN B 420 15.28 -28.07 24.44
CA ASN B 420 14.10 -28.74 25.00
C ASN B 420 12.85 -28.39 24.18
N LEU B 421 12.35 -29.37 23.44
CA LEU B 421 11.17 -29.19 22.58
C LEU B 421 9.83 -29.39 23.28
N SER B 422 9.87 -29.90 24.51
CA SER B 422 8.65 -30.14 25.27
C SER B 422 8.41 -29.10 26.36
N GLY B 423 7.18 -29.06 26.87
CA GLY B 423 6.82 -28.12 27.92
C GLY B 423 7.05 -28.66 29.31
N GLU B 424 7.63 -29.86 29.36
CA GLU B 424 7.93 -30.54 30.61
C GLU B 424 9.43 -30.49 30.83
N GLU B 425 9.85 -30.34 32.08
CA GLU B 425 11.28 -30.27 32.39
C GLU B 425 11.99 -31.56 31.99
N VAL B 426 13.29 -31.43 31.73
CA VAL B 426 14.12 -32.56 31.35
C VAL B 426 15.53 -32.21 31.82
N VAL B 427 16.29 -33.24 32.19
CA VAL B 427 17.66 -33.05 32.66
C VAL B 427 18.55 -34.11 32.01
N PHE B 428 19.74 -33.68 31.57
CA PHE B 428 20.68 -34.57 30.93
C PHE B 428 22.10 -34.33 31.43
N GLU B 429 22.68 -35.37 32.02
CA GLU B 429 24.02 -35.30 32.56
C GLU B 429 24.14 -34.14 33.51
N GLY B 430 23.36 -34.17 34.59
CA GLY B 430 23.40 -33.13 35.59
C GLY B 430 23.12 -31.71 35.12
N VAL B 431 22.18 -31.57 34.19
CA VAL B 431 21.78 -30.25 33.69
C VAL B 431 20.32 -30.31 33.27
N LYS B 432 19.46 -29.70 34.09
CA LYS B 432 18.04 -29.66 33.78
C LYS B 432 17.86 -28.54 32.76
N MET B 433 16.82 -28.68 31.95
CA MET B 433 16.49 -27.70 30.91
C MET B 433 15.00 -27.41 31.03
N LYS B 434 14.68 -26.21 31.52
CA LYS B 434 13.28 -25.82 31.69
C LYS B 434 12.53 -26.08 30.38
N PRO B 435 11.20 -26.02 30.42
CA PRO B 435 10.45 -26.25 29.17
C PRO B 435 10.87 -25.26 28.08
N TYR B 436 11.07 -25.80 26.88
CA TYR B 436 11.47 -25.04 25.69
C TYR B 436 12.68 -24.13 25.85
N LYS B 437 13.63 -24.53 26.66
CA LYS B 437 14.81 -23.70 26.84
C LYS B 437 15.96 -24.29 26.05
N THR B 438 16.96 -23.45 25.83
CA THR B 438 18.15 -23.85 25.09
C THR B 438 19.32 -23.49 25.95
N GLU B 439 20.30 -24.38 25.98
CA GLU B 439 21.48 -24.16 26.77
C GLU B 439 22.71 -24.51 25.96
N VAL B 440 23.76 -23.72 26.11
CA VAL B 440 25.01 -24.00 25.42
C VAL B 440 26.08 -24.02 26.49
N VAL B 441 27.02 -24.94 26.37
CA VAL B 441 28.12 -25.06 27.33
C VAL B 441 29.40 -25.43 26.62
#